data_5L6K
#
_entry.id   5L6K
#
_cell.length_a   44.070
_cell.length_b   84.870
_cell.length_c   77.220
_cell.angle_alpha   90.000
_cell.angle_beta   97.810
_cell.angle_gamma   90.000
#
_symmetry.space_group_name_H-M   'P 1 21 1'
#
loop_
_entity.id
_entity.type
_entity.pdbx_description
1 polymer 'Carbonic anhydrase 2'
2 polymer 'Aromatic foldamer'
3 polymer 'Aromatic foldamer'
4 non-polymer 'ZINC ION'
5 non-polymer GLYCEROL
6 non-polymer 'SODIUM ION'
7 non-polymer 'DIMETHYL SULFOXIDE'
8 water water
#
loop_
_entity_poly.entity_id
_entity_poly.type
_entity_poly.pdbx_seq_one_letter_code
_entity_poly.pdbx_strand_id
1 'polypeptide(L)'
;MSHHWGYGKHNGPEHWHKDFPIAKGERQSPVDIDTHTAKYDPSLKPLSVSYDQATSLRILNNGHAFNVEFDDSQDKAVLK
GGPLDGTYRLIQFHFHWGSLDGQGSEHTVDKKKYAAELHLVHWNTKYGDFGKAVQQPDGLAVLGIFLKVGSAKPGLQKVV
DVLDSIKTKGKSADFTNFDPRGLLPESLDYWTYPGSLTTPPLLECVTWIVLKEPISVSSEQVLKFRKLNFNGEGEPEELM
VDNWRPAQPLKNRQIKASFK
;
A,B
2 'polypeptide(L)' (4SO)(A1IJ4)(QUJ)(QUK)(QVS)(QVE) C,D
3 'polypeptide(L)' (VKC)(QUJ)(QVS)(QVS)(QVE) E,F
#
loop_
_chem_comp.id
_chem_comp.type
_chem_comp.name
_chem_comp.formula
4SO non-polymer '4-sulfamoylbenzoic acid' 'C7 H7 N O4 S'
DMS non-polymer 'DIMETHYL SULFOXIDE' 'C2 H6 O S'
GOL non-polymer GLYCEROL 'C3 H8 O3'
NA non-polymer 'SODIUM ION' 'Na 1'
VKC non-polymer '(2-hydroxyethoxy)acetic acid' 'C4 H8 O4'
ZN non-polymer 'ZINC ION' 'Zn 2'
#
# COMPACT_ATOMS: atom_id res chain seq x y z
N SER A 2 10.95 1.97 14.75
CA SER A 2 10.60 0.80 13.86
C SER A 2 9.30 0.11 14.29
N HIS A 3 8.64 -0.52 13.32
CA HIS A 3 7.26 -0.96 13.41
C HIS A 3 7.21 -2.45 13.69
N HIS A 4 6.36 -2.80 14.63
CA HIS A 4 6.20 -4.17 15.06
C HIS A 4 4.74 -4.34 15.48
N TRP A 5 4.24 -5.52 15.29
CA TRP A 5 2.93 -5.82 15.85
C TRP A 5 3.04 -7.27 16.24
N GLY A 6 2.11 -7.67 17.07
CA GLY A 6 1.96 -9.05 17.46
C GLY A 6 0.71 -9.27 18.22
N TYR A 7 0.77 -10.20 19.18
CA TYR A 7 -0.39 -10.57 19.92
C TYR A 7 -0.23 -10.37 21.44
N GLY A 8 0.84 -9.70 21.85
CA GLY A 8 1.13 -9.40 23.29
C GLY A 8 0.28 -8.27 23.85
N LYS A 9 0.45 -8.01 25.15
CA LYS A 9 -0.27 -6.95 25.85
C LYS A 9 -0.01 -5.57 25.26
N HIS A 10 1.20 -5.33 24.75
CA HIS A 10 1.61 -4.00 24.29
C HIS A 10 1.55 -3.82 22.75
N ASN A 11 1.63 -4.90 21.99
CA ASN A 11 1.61 -4.81 20.54
C ASN A 11 0.44 -5.54 19.87
N GLY A 12 -0.54 -5.94 20.67
CA GLY A 12 -1.63 -6.83 20.28
C GLY A 12 -2.82 -6.12 19.62
N PRO A 13 -3.90 -6.88 19.33
CA PRO A 13 -5.04 -6.36 18.55
C PRO A 13 -5.64 -5.09 19.03
N GLU A 14 -5.68 -4.87 20.35
N GLU A 14 -5.68 -4.87 20.35
CA GLU A 14 -6.23 -3.63 20.91
CA GLU A 14 -6.23 -3.63 20.91
C GLU A 14 -5.40 -2.37 20.54
C GLU A 14 -5.40 -2.37 20.54
N HIS A 15 -4.15 -2.58 20.15
CA HIS A 15 -3.24 -1.47 19.78
C HIS A 15 -2.95 -1.33 18.29
N TRP A 16 -3.42 -2.28 17.49
CA TRP A 16 -3.11 -2.23 16.06
C TRP A 16 -3.56 -0.95 15.38
N HIS A 17 -4.65 -0.35 15.86
N HIS A 17 -4.65 -0.35 15.86
CA HIS A 17 -5.17 0.88 15.27
CA HIS A 17 -5.19 0.87 15.27
C HIS A 17 -4.20 2.03 15.26
C HIS A 17 -4.20 2.03 15.26
N LYS A 18 -3.17 1.99 16.13
CA LYS A 18 -2.21 3.09 16.20
C LYS A 18 -1.40 3.25 14.88
N ASP A 19 -0.82 2.16 14.41
CA ASP A 19 -0.14 2.12 13.12
C ASP A 19 -1.02 1.81 11.92
N PHE A 20 -2.20 1.19 12.14
CA PHE A 20 -3.10 0.71 11.09
C PHE A 20 -4.50 1.18 11.39
N PRO A 21 -4.76 2.46 11.12
CA PRO A 21 -6.07 2.99 11.52
C PRO A 21 -7.29 2.30 10.97
N ILE A 22 -7.14 1.58 9.87
CA ILE A 22 -8.22 0.81 9.28
C ILE A 22 -8.73 -0.29 10.23
N ALA A 23 -7.96 -0.55 11.28
CA ALA A 23 -8.42 -1.46 12.34
C ALA A 23 -9.82 -1.12 12.89
N LYS A 24 -10.16 0.15 12.86
CA LYS A 24 -11.46 0.64 13.25
C LYS A 24 -12.36 0.93 12.06
N GLY A 25 -12.10 0.32 10.92
CA GLY A 25 -12.90 0.46 9.71
C GLY A 25 -14.30 -0.18 9.76
N GLU A 26 -14.95 -0.07 8.62
CA GLU A 26 -16.30 -0.54 8.44
C GLU A 26 -16.42 -2.01 8.07
N ARG A 27 -15.35 -2.64 7.62
CA ARG A 27 -15.43 -4.02 7.13
C ARG A 27 -14.32 -4.85 7.74
N GLN A 28 -14.19 -4.81 9.05
CA GLN A 28 -13.06 -5.59 9.65
C GLN A 28 -13.45 -7.03 10.00
N SER A 29 -12.45 -7.90 10.05
CA SER A 29 -12.60 -9.32 10.34
C SER A 29 -11.62 -9.69 11.48
N PRO A 30 -11.92 -10.74 12.22
CA PRO A 30 -13.13 -11.61 12.02
C PRO A 30 -14.35 -11.04 12.71
N VAL A 31 -15.44 -11.81 12.66
CA VAL A 31 -16.73 -11.41 13.25
C VAL A 31 -17.32 -12.65 13.93
N ASP A 32 -18.26 -12.41 14.83
CA ASP A 32 -19.07 -13.47 15.37
C ASP A 32 -20.22 -13.76 14.41
N ILE A 33 -20.47 -15.03 14.09
CA ILE A 33 -21.54 -15.43 13.22
C ILE A 33 -22.69 -15.89 14.12
N ASP A 34 -23.74 -15.10 14.16
CA ASP A 34 -24.98 -15.43 14.90
C ASP A 34 -25.87 -16.27 14.00
N THR A 35 -26.04 -17.55 14.33
CA THR A 35 -26.78 -18.46 13.41
C THR A 35 -28.26 -18.19 13.37
N HIS A 36 -28.74 -17.40 14.32
CA HIS A 36 -30.11 -16.93 14.30
C HIS A 36 -30.40 -15.71 13.47
N THR A 37 -29.38 -14.98 13.03
CA THR A 37 -29.62 -13.83 12.20
C THR A 37 -28.93 -13.95 10.81
N ALA A 38 -27.93 -14.79 10.67
CA ALA A 38 -27.33 -14.98 9.36
C ALA A 38 -28.34 -15.74 8.51
N LYS A 39 -28.91 -15.11 7.53
CA LYS A 39 -29.96 -15.77 6.78
C LYS A 39 -29.54 -16.41 5.43
N TYR A 40 -30.20 -17.50 5.11
CA TYR A 40 -30.16 -18.12 3.79
C TYR A 40 -30.39 -17.10 2.68
N ASP A 41 -29.50 -17.12 1.69
CA ASP A 41 -29.58 -16.27 0.55
C ASP A 41 -29.61 -17.13 -0.71
N PRO A 42 -30.80 -17.28 -1.35
CA PRO A 42 -30.84 -18.19 -2.51
C PRO A 42 -30.22 -17.63 -3.76
N SER A 43 -29.77 -16.38 -3.75
CA SER A 43 -29.05 -15.86 -4.90
C SER A 43 -27.61 -16.36 -4.89
N LEU A 44 -27.14 -16.87 -3.74
CA LEU A 44 -25.77 -17.44 -3.75
C LEU A 44 -25.69 -18.62 -4.75
N LYS A 45 -24.58 -18.64 -5.50
CA LYS A 45 -24.24 -19.75 -6.40
C LYS A 45 -23.55 -20.94 -5.70
N PRO A 46 -23.56 -22.12 -6.34
CA PRO A 46 -22.88 -23.25 -5.73
C PRO A 46 -21.38 -22.92 -5.64
N LEU A 47 -20.76 -23.33 -4.55
CA LEU A 47 -19.33 -23.06 -4.29
C LEU A 47 -18.54 -24.14 -5.01
N SER A 48 -17.51 -23.75 -5.78
CA SER A 48 -16.68 -24.71 -6.46
C SER A 48 -15.24 -24.63 -5.90
N VAL A 49 -14.78 -25.71 -5.31
CA VAL A 49 -13.40 -25.87 -4.82
C VAL A 49 -12.72 -26.84 -5.77
N SER A 50 -11.81 -26.35 -6.61
CA SER A 50 -11.06 -27.18 -7.53
C SER A 50 -9.60 -27.24 -7.15
N TYR A 51 -9.25 -28.27 -6.39
CA TYR A 51 -7.90 -28.43 -5.89
C TYR A 51 -7.19 -29.68 -6.37
N ASP A 52 -7.70 -30.30 -7.42
CA ASP A 52 -7.13 -31.56 -7.92
C ASP A 52 -5.69 -31.44 -8.37
N GLN A 53 -5.29 -30.31 -8.93
CA GLN A 53 -3.91 -30.11 -9.34
C GLN A 53 -3.06 -29.25 -8.44
N ALA A 54 -3.49 -29.03 -7.18
CA ALA A 54 -2.77 -28.14 -6.27
C ALA A 54 -1.34 -28.57 -6.13
N THR A 55 -0.45 -27.58 -6.20
CA THR A 55 1.00 -27.82 -6.15
C THR A 55 1.55 -27.03 -4.99
N SER A 56 1.68 -27.70 -3.83
CA SER A 56 2.38 -27.06 -2.71
C SER A 56 3.89 -26.95 -2.93
N LEU A 57 4.48 -25.87 -2.43
CA LEU A 57 5.92 -25.64 -2.56
C LEU A 57 6.74 -25.65 -1.29
N ARG A 58 6.28 -24.91 -0.26
CA ARG A 58 7.13 -24.76 0.92
C ARG A 58 6.24 -24.45 2.11
N ILE A 59 6.86 -24.61 3.26
CA ILE A 59 6.23 -24.22 4.52
C ILE A 59 7.19 -23.30 5.24
N LEU A 60 6.65 -22.27 5.92
CA LEU A 60 7.52 -21.34 6.59
C LEU A 60 6.89 -20.70 7.82
N ASN A 61 7.76 -20.37 8.74
CA ASN A 61 7.37 -19.66 9.97
C ASN A 61 7.68 -18.22 9.73
N ASN A 62 6.64 -17.39 9.76
CA ASN A 62 6.82 -15.95 9.48
C ASN A 62 6.82 -15.07 10.77
N GLY A 63 6.87 -15.70 11.94
CA GLY A 63 6.85 -14.99 13.20
C GLY A 63 5.49 -14.64 13.71
N HIS A 64 4.45 -14.94 12.94
CA HIS A 64 3.04 -14.68 13.36
C HIS A 64 2.22 -15.98 13.25
N ALA A 65 2.55 -16.85 12.28
CA ALA A 65 1.90 -18.14 12.07
C ALA A 65 2.85 -18.96 11.16
N PHE A 66 2.40 -20.08 10.67
CA PHE A 66 3.15 -20.75 9.57
C PHE A 66 2.26 -20.84 8.32
N ASN A 67 2.87 -20.68 7.14
CA ASN A 67 2.19 -20.70 5.89
C ASN A 67 2.69 -21.84 5.04
N VAL A 68 1.78 -22.55 4.46
CA VAL A 68 2.09 -23.48 3.37
C VAL A 68 1.76 -22.76 2.03
N GLU A 69 2.81 -22.56 1.21
CA GLU A 69 2.69 -21.75 0.00
C GLU A 69 2.55 -22.63 -1.21
N PHE A 70 1.76 -22.16 -2.18
CA PHE A 70 1.40 -22.94 -3.39
C PHE A 70 1.85 -22.21 -4.67
N ASP A 71 2.08 -22.98 -5.74
CA ASP A 71 2.30 -22.42 -7.08
C ASP A 71 0.96 -21.83 -7.57
N ASP A 72 0.92 -20.49 -7.67
CA ASP A 72 -0.27 -19.74 -8.10
C ASP A 72 -0.05 -19.10 -9.53
N SER A 73 0.86 -19.69 -10.30
CA SER A 73 1.21 -19.21 -11.64
C SER A 73 0.16 -19.60 -12.67
N GLN A 74 -0.69 -20.57 -12.33
CA GLN A 74 -1.74 -21.07 -13.18
C GLN A 74 -2.90 -21.46 -12.34
N ASP A 75 -4.01 -21.82 -13.00
CA ASP A 75 -5.25 -22.16 -12.29
C ASP A 75 -5.28 -23.62 -11.70
N LYS A 76 -4.27 -23.99 -10.92
CA LYS A 76 -4.10 -25.36 -10.45
C LYS A 76 -4.97 -25.61 -9.23
N ALA A 77 -5.29 -24.56 -8.48
CA ALA A 77 -6.05 -24.71 -7.24
C ALA A 77 -6.87 -23.48 -7.04
N VAL A 78 -8.16 -23.57 -7.39
CA VAL A 78 -8.99 -22.38 -7.46
C VAL A 78 -10.29 -22.56 -6.76
N LEU A 79 -10.80 -21.42 -6.33
CA LEU A 79 -12.10 -21.21 -5.75
C LEU A 79 -12.93 -20.35 -6.67
N LYS A 80 -14.16 -20.80 -6.96
CA LYS A 80 -15.11 -20.08 -7.83
C LYS A 80 -16.51 -20.25 -7.24
N GLY A 81 -17.45 -19.50 -7.78
CA GLY A 81 -18.85 -19.61 -7.39
C GLY A 81 -19.12 -19.03 -6.01
N GLY A 82 -20.17 -19.51 -5.37
CA GLY A 82 -20.55 -18.98 -4.08
C GLY A 82 -20.88 -17.53 -4.27
N PRO A 83 -20.30 -16.67 -3.46
CA PRO A 83 -20.49 -15.25 -3.61
C PRO A 83 -19.51 -14.58 -4.55
N LEU A 84 -18.61 -15.32 -5.15
CA LEU A 84 -17.52 -14.70 -5.91
C LEU A 84 -17.90 -14.47 -7.38
N ASP A 85 -17.32 -13.41 -7.91
CA ASP A 85 -17.32 -13.11 -9.31
CA ASP A 85 -17.30 -13.11 -9.35
C ASP A 85 -15.84 -13.28 -9.70
N GLY A 86 -15.53 -14.26 -10.50
CA GLY A 86 -14.15 -14.48 -10.90
C GLY A 86 -13.55 -15.71 -10.29
N THR A 87 -12.34 -15.94 -10.73
CA THR A 87 -11.58 -17.14 -10.38
C THR A 87 -10.49 -16.73 -9.43
N TYR A 88 -10.41 -17.44 -8.29
CA TYR A 88 -9.48 -17.10 -7.25
C TYR A 88 -8.46 -18.19 -7.00
N ARG A 89 -7.17 -17.86 -7.14
CA ARG A 89 -6.13 -18.84 -7.04
C ARG A 89 -5.63 -19.00 -5.62
N LEU A 90 -5.45 -20.24 -5.15
CA LEU A 90 -4.85 -20.52 -3.85
C LEU A 90 -3.37 -20.12 -3.81
N ILE A 91 -3.06 -19.19 -2.96
CA ILE A 91 -1.62 -18.82 -2.74
C ILE A 91 -0.99 -19.46 -1.53
N GLN A 92 -1.75 -19.58 -0.44
CA GLN A 92 -1.22 -20.13 0.78
C GLN A 92 -2.35 -20.52 1.70
N PHE A 93 -2.06 -21.43 2.63
CA PHE A 93 -2.89 -21.57 3.85
C PHE A 93 -2.07 -21.45 5.12
N HIS A 94 -2.79 -21.14 6.22
CA HIS A 94 -2.14 -21.00 7.54
C HIS A 94 -3.27 -21.21 8.52
N PHE A 95 -2.92 -21.21 9.79
CA PHE A 95 -3.84 -21.35 10.90
C PHE A 95 -3.64 -20.31 11.94
N HIS A 96 -4.67 -20.15 12.78
CA HIS A 96 -4.59 -19.37 14.04
C HIS A 96 -5.04 -20.33 15.12
N TRP A 97 -4.42 -20.25 16.29
CA TRP A 97 -4.74 -21.20 17.35
C TRP A 97 -4.50 -20.65 18.74
N GLY A 98 -4.96 -21.41 19.74
CA GLY A 98 -4.93 -20.91 21.10
C GLY A 98 -3.82 -21.53 21.95
N SER A 99 -3.73 -21.01 23.17
CA SER A 99 -2.90 -21.58 24.21
C SER A 99 -3.59 -22.74 24.90
N LEU A 100 -4.88 -22.90 24.66
CA LEU A 100 -5.72 -23.94 25.27
C LEU A 100 -6.66 -24.39 24.20
N ASP A 101 -7.21 -25.60 24.38
CA ASP A 101 -8.12 -26.16 23.38
C ASP A 101 -9.44 -25.35 23.22
N GLY A 102 -9.82 -24.65 24.27
CA GLY A 102 -11.08 -23.88 24.26
C GLY A 102 -11.08 -22.54 23.52
N GLN A 103 -9.98 -22.16 22.92
CA GLN A 103 -9.88 -20.90 22.19
C GLN A 103 -8.88 -21.08 21.07
N GLY A 104 -8.88 -20.09 20.19
CA GLY A 104 -7.94 -20.12 19.07
C GLY A 104 -8.52 -19.69 17.74
N SER A 105 -9.82 -19.91 17.48
CA SER A 105 -10.42 -19.40 16.26
C SER A 105 -10.58 -17.87 16.25
N GLU A 106 -10.62 -17.31 15.05
CA GLU A 106 -10.83 -15.92 14.85
C GLU A 106 -12.32 -15.66 14.72
N HIS A 107 -12.97 -16.27 13.74
CA HIS A 107 -14.46 -16.30 13.71
C HIS A 107 -14.96 -17.12 14.88
N THR A 108 -16.14 -16.71 15.38
CA THR A 108 -16.87 -17.49 16.39
C THR A 108 -18.27 -17.79 15.85
N VAL A 109 -18.94 -18.82 16.37
CA VAL A 109 -20.30 -19.14 15.90
C VAL A 109 -21.14 -19.13 17.16
N ASP A 110 -22.08 -18.19 17.20
CA ASP A 110 -22.87 -17.97 18.44
C ASP A 110 -21.98 -17.82 19.67
N LYS A 111 -20.87 -17.06 19.50
CA LYS A 111 -19.82 -16.82 20.50
C LYS A 111 -18.93 -17.97 20.89
N LYS A 112 -19.12 -19.14 20.29
CA LYS A 112 -18.30 -20.34 20.54
C LYS A 112 -17.01 -20.19 19.79
N LYS A 113 -15.91 -20.41 20.51
CA LYS A 113 -14.57 -20.51 19.90
C LYS A 113 -14.13 -21.93 19.69
N TYR A 114 -13.46 -22.18 18.59
CA TYR A 114 -12.85 -23.45 18.30
C TYR A 114 -11.36 -23.38 18.69
N ALA A 115 -10.72 -24.56 18.67
CA ALA A 115 -9.31 -24.68 18.98
C ALA A 115 -8.37 -24.03 17.98
N ALA A 116 -8.81 -23.95 16.74
CA ALA A 116 -8.04 -23.27 15.75
C ALA A 116 -8.90 -22.96 14.55
N GLU A 117 -8.33 -22.20 13.59
CA GLU A 117 -9.01 -21.89 12.38
C GLU A 117 -8.01 -21.90 11.23
N LEU A 118 -8.36 -22.63 10.20
CA LEU A 118 -7.61 -22.74 8.91
C LEU A 118 -8.09 -21.69 7.94
N HIS A 119 -7.16 -20.90 7.40
CA HIS A 119 -7.39 -19.91 6.35
C HIS A 119 -6.70 -20.38 5.05
N LEU A 120 -7.50 -20.67 4.03
CA LEU A 120 -7.01 -20.92 2.63
C LEU A 120 -7.20 -19.61 1.90
N VAL A 121 -6.07 -19.00 1.55
CA VAL A 121 -6.05 -17.64 0.98
C VAL A 121 -5.93 -17.66 -0.55
N HIS A 122 -6.83 -16.96 -1.23
CA HIS A 122 -6.95 -17.01 -2.71
C HIS A 122 -7.02 -15.56 -3.19
N TRP A 123 -6.56 -15.33 -4.41
CA TRP A 123 -6.57 -13.98 -5.00
C TRP A 123 -7.17 -14.06 -6.44
N ASN A 124 -7.88 -13.00 -6.75
CA ASN A 124 -8.60 -12.86 -8.02
C ASN A 124 -7.67 -12.66 -9.22
N THR A 125 -7.68 -13.63 -10.11
CA THR A 125 -6.75 -13.68 -11.25
C THR A 125 -6.67 -12.38 -12.03
N LYS A 126 -7.76 -11.66 -12.08
CA LYS A 126 -7.78 -10.50 -12.95
C LYS A 126 -6.82 -9.41 -12.51
N TYR A 127 -6.36 -9.43 -11.27
CA TYR A 127 -5.40 -8.43 -10.79
C TYR A 127 -4.00 -8.80 -11.03
N GLY A 128 -3.73 -9.97 -11.64
CA GLY A 128 -2.36 -10.31 -12.08
C GLY A 128 -1.46 -10.94 -11.05
N ASP A 129 -1.48 -10.43 -9.82
CA ASP A 129 -0.76 -11.04 -8.72
C ASP A 129 -1.39 -10.67 -7.39
N PHE A 130 -0.97 -11.39 -6.36
CA PHE A 130 -1.45 -11.13 -4.99
C PHE A 130 -1.27 -9.69 -4.52
N GLY A 131 -0.11 -9.12 -4.81
CA GLY A 131 0.17 -7.75 -4.40
C GLY A 131 -0.80 -6.75 -4.93
N LYS A 132 -1.20 -6.91 -6.20
CA LYS A 132 -2.19 -5.99 -6.78
C LYS A 132 -3.58 -6.30 -6.18
N ALA A 133 -3.84 -7.59 -6.01
CA ALA A 133 -5.19 -8.03 -5.58
C ALA A 133 -5.52 -7.48 -4.20
N VAL A 134 -4.54 -7.43 -3.31
CA VAL A 134 -4.81 -6.93 -1.95
C VAL A 134 -5.24 -5.53 -1.84
N GLN A 135 -5.09 -4.75 -2.91
CA GLN A 135 -5.46 -3.38 -2.91
C GLN A 135 -6.86 -3.17 -3.47
N GLN A 136 -7.62 -4.24 -3.73
CA GLN A 136 -8.95 -4.18 -4.27
C GLN A 136 -10.00 -4.82 -3.34
N PRO A 137 -11.24 -4.29 -3.27
CA PRO A 137 -12.27 -4.81 -2.38
C PRO A 137 -12.67 -6.23 -2.68
N ASP A 138 -12.53 -6.62 -3.97
CA ASP A 138 -12.82 -7.98 -4.39
C ASP A 138 -11.54 -8.81 -4.66
N GLY A 139 -10.43 -8.42 -4.07
CA GLY A 139 -9.15 -9.00 -4.42
C GLY A 139 -8.94 -10.40 -3.93
N LEU A 140 -9.39 -10.64 -2.71
CA LEU A 140 -9.09 -11.91 -2.03
C LEU A 140 -10.38 -12.64 -1.65
N ALA A 141 -10.26 -13.95 -1.55
CA ALA A 141 -11.29 -14.83 -0.99
C ALA A 141 -10.56 -15.72 -0.03
N VAL A 142 -11.00 -15.74 1.21
CA VAL A 142 -10.36 -16.63 2.20
C VAL A 142 -11.43 -17.60 2.63
N LEU A 143 -11.13 -18.88 2.47
CA LEU A 143 -11.94 -19.94 2.97
C LEU A 143 -11.50 -20.27 4.36
N GLY A 144 -12.39 -20.11 5.34
CA GLY A 144 -12.12 -20.37 6.72
C GLY A 144 -12.82 -21.63 7.21
N ILE A 145 -12.02 -22.47 7.88
CA ILE A 145 -12.46 -23.77 8.36
C ILE A 145 -12.07 -23.92 9.81
N PHE A 146 -13.06 -24.21 10.64
CA PHE A 146 -12.85 -24.37 12.08
C PHE A 146 -12.22 -25.71 12.39
N LEU A 147 -11.33 -25.72 13.37
CA LEU A 147 -10.71 -26.97 13.90
C LEU A 147 -11.27 -27.18 15.34
N LYS A 148 -12.00 -28.30 15.49
CA LYS A 148 -12.52 -28.75 16.77
CA LYS A 148 -12.52 -28.74 16.80
C LYS A 148 -11.69 -29.88 17.27
N VAL A 149 -11.33 -29.86 18.53
CA VAL A 149 -10.49 -30.91 19.10
CA VAL A 149 -10.50 -30.93 19.10
C VAL A 149 -11.30 -32.21 19.15
N GLY A 150 -10.69 -33.30 18.69
CA GLY A 150 -11.40 -34.59 18.60
C GLY A 150 -10.45 -35.70 18.14
N SER A 151 -10.89 -36.46 17.16
CA SER A 151 -10.04 -37.46 16.47
C SER A 151 -8.93 -36.75 15.67
N ALA A 152 -7.82 -37.48 15.51
CA ALA A 152 -6.77 -36.98 14.66
C ALA A 152 -7.24 -36.84 13.21
N LYS A 153 -6.84 -35.75 12.53
CA LYS A 153 -7.14 -35.53 11.10
C LYS A 153 -5.96 -36.06 10.27
N PRO A 154 -6.13 -37.15 9.46
CA PRO A 154 -5.03 -37.72 8.73
C PRO A 154 -4.41 -36.69 7.80
N GLY A 155 -5.27 -35.88 7.20
CA GLY A 155 -4.83 -34.89 6.25
C GLY A 155 -4.01 -33.76 6.80
N LEU A 156 -4.02 -33.55 8.12
CA LEU A 156 -3.23 -32.58 8.75
C LEU A 156 -1.86 -33.10 9.19
N GLN A 157 -1.74 -34.42 9.26
CA GLN A 157 -0.54 -35.00 9.87
C GLN A 157 0.73 -34.59 9.15
N LYS A 158 0.70 -34.54 7.81
CA LYS A 158 1.90 -34.17 7.03
C LYS A 158 2.40 -32.79 7.43
N VAL A 159 1.47 -31.90 7.73
CA VAL A 159 1.82 -30.52 8.26
C VAL A 159 2.46 -30.58 9.64
N VAL A 160 1.80 -31.26 10.58
CA VAL A 160 2.31 -31.47 11.90
C VAL A 160 3.72 -32.07 11.92
N ASP A 161 3.94 -33.04 11.04
CA ASP A 161 5.22 -33.75 11.02
C ASP A 161 6.39 -32.88 10.67
N VAL A 162 6.16 -31.79 9.94
CA VAL A 162 7.28 -30.95 9.49
C VAL A 162 7.54 -29.74 10.43
N LEU A 163 6.64 -29.51 11.40
CA LEU A 163 6.76 -28.29 12.21
C LEU A 163 8.09 -28.19 12.97
N ASP A 164 8.71 -29.33 13.36
CA ASP A 164 9.97 -29.27 14.08
CA ASP A 164 9.99 -29.30 14.06
C ASP A 164 11.11 -28.72 13.23
N SER A 165 10.93 -28.67 11.91
CA SER A 165 11.94 -28.06 11.05
C SER A 165 11.77 -26.57 10.78
N ILE A 166 10.68 -25.95 11.28
CA ILE A 166 10.42 -24.52 11.09
C ILE A 166 10.09 -23.89 12.45
N LYS A 167 10.87 -24.28 13.47
CA LYS A 167 10.49 -23.83 14.86
C LYS A 167 10.47 -22.33 15.07
N THR A 168 11.39 -21.61 14.43
CA THR A 168 11.59 -20.19 14.67
C THR A 168 11.30 -19.33 13.44
N LYS A 169 11.08 -18.06 13.69
CA LYS A 169 10.77 -17.09 12.67
C LYS A 169 11.86 -17.12 11.60
N GLY A 170 11.42 -17.19 10.35
CA GLY A 170 12.32 -17.10 9.20
C GLY A 170 12.72 -18.47 8.67
N LYS A 171 12.45 -19.56 9.39
CA LYS A 171 12.79 -20.87 8.90
C LYS A 171 11.76 -21.29 7.85
N SER A 172 12.21 -22.00 6.83
CA SER A 172 11.35 -22.53 5.83
C SER A 172 11.82 -23.91 5.48
N ALA A 173 10.93 -24.70 4.89
CA ALA A 173 11.31 -26.01 4.39
C ALA A 173 10.54 -26.33 3.16
N ASP A 174 11.11 -27.17 2.30
CA ASP A 174 10.39 -27.73 1.16
C ASP A 174 9.17 -28.47 1.59
N PHE A 175 8.03 -28.33 0.89
CA PHE A 175 6.78 -28.97 1.31
C PHE A 175 5.94 -29.25 0.08
N THR A 176 6.35 -30.32 -0.62
CA THR A 176 5.75 -30.67 -1.90
C THR A 176 4.70 -31.75 -1.74
N ASN A 177 3.80 -31.80 -2.72
CA ASN A 177 2.76 -32.83 -2.85
C ASN A 177 1.77 -32.91 -1.72
N PHE A 178 1.52 -31.79 -1.04
CA PHE A 178 0.56 -31.76 0.00
C PHE A 178 -0.79 -31.52 -0.65
N ASP A 179 -1.78 -32.30 -0.28
CA ASP A 179 -3.13 -32.22 -0.86
C ASP A 179 -4.09 -31.46 0.07
N PRO A 180 -4.45 -30.25 -0.27
CA PRO A 180 -5.27 -29.47 0.62
C PRO A 180 -6.73 -29.92 0.65
N ARG A 181 -7.13 -30.79 -0.22
CA ARG A 181 -8.45 -31.44 -0.13
C ARG A 181 -8.59 -32.21 1.14
N GLY A 182 -7.46 -32.66 1.67
CA GLY A 182 -7.48 -33.44 2.93
C GLY A 182 -7.78 -32.60 4.18
N LEU A 183 -7.84 -31.29 4.04
CA LEU A 183 -8.24 -30.38 5.16
C LEU A 183 -9.64 -29.92 5.05
N LEU A 184 -10.39 -30.39 4.08
CA LEU A 184 -11.76 -29.92 3.88
C LEU A 184 -12.75 -30.83 4.61
N PRO A 185 -13.81 -30.25 5.17
CA PRO A 185 -14.85 -31.12 5.69
C PRO A 185 -15.71 -31.66 4.54
N GLU A 186 -16.64 -32.55 4.86
CA GLU A 186 -17.51 -33.19 3.83
CA GLU A 186 -17.51 -33.16 3.80
C GLU A 186 -18.56 -32.18 3.24
N SER A 187 -19.11 -31.32 4.10
CA SER A 187 -20.04 -30.29 3.66
C SER A 187 -19.29 -28.99 3.33
N LEU A 188 -19.67 -28.37 2.22
CA LEU A 188 -19.20 -27.04 1.82
C LEU A 188 -20.27 -25.97 2.08
N ASP A 189 -21.23 -26.26 2.94
CA ASP A 189 -22.13 -25.21 3.40
C ASP A 189 -21.32 -24.12 4.12
N TYR A 190 -21.68 -22.87 3.91
CA TYR A 190 -20.93 -21.74 4.43
C TYR A 190 -21.71 -20.51 4.75
N TRP A 191 -21.05 -19.65 5.51
CA TRP A 191 -21.47 -18.30 5.69
C TRP A 191 -20.52 -17.35 4.97
N THR A 192 -21.03 -16.24 4.52
CA THR A 192 -20.13 -15.29 3.78
C THR A 192 -20.44 -13.86 4.10
N TYR A 193 -19.40 -13.04 4.12
CA TYR A 193 -19.62 -11.57 4.36
C TYR A 193 -18.34 -10.88 3.83
N PRO A 194 -18.44 -9.60 3.56
CA PRO A 194 -17.28 -8.79 3.16
C PRO A 194 -16.49 -8.33 4.34
N GLY A 195 -15.18 -8.58 4.28
CA GLY A 195 -14.30 -8.22 5.39
C GLY A 195 -12.84 -7.90 5.04
N SER A 196 -11.93 -8.21 5.95
CA SER A 196 -10.56 -7.84 5.83
C SER A 196 -9.60 -8.90 6.11
N LEU A 197 -8.34 -8.57 5.88
CA LEU A 197 -7.24 -9.37 6.50
C LEU A 197 -7.38 -9.27 8.01
N THR A 198 -7.18 -10.38 8.72
CA THR A 198 -7.25 -10.37 10.19
C THR A 198 -5.93 -10.01 10.89
N THR A 199 -4.87 -9.72 10.16
CA THR A 199 -3.64 -9.22 10.72
C THR A 199 -3.30 -7.92 10.01
N PRO A 200 -2.46 -7.07 10.65
CA PRO A 200 -1.93 -5.86 9.95
C PRO A 200 -1.38 -6.28 8.56
N PRO A 201 -1.72 -5.59 7.48
CA PRO A 201 -2.28 -4.27 7.44
C PRO A 201 -3.81 -4.15 7.42
N LEU A 202 -4.53 -5.22 7.69
CA LEU A 202 -5.97 -5.19 7.94
C LEU A 202 -6.76 -4.63 6.79
N LEU A 203 -6.27 -4.86 5.58
CA LEU A 203 -6.85 -4.28 4.35
C LEU A 203 -8.24 -4.92 4.13
N GLU A 204 -9.20 -4.09 3.67
CA GLU A 204 -10.55 -4.52 3.52
C GLU A 204 -10.76 -5.05 2.05
N CYS A 205 -10.09 -6.17 1.77
CA CYS A 205 -10.05 -6.77 0.45
C CYS A 205 -10.53 -8.22 0.37
N VAL A 206 -11.18 -8.68 1.41
CA VAL A 206 -11.52 -10.10 1.56
C VAL A 206 -12.99 -10.40 1.49
N THR A 207 -13.38 -11.32 0.59
CA THR A 207 -14.66 -11.99 0.69
C THR A 207 -14.42 -13.20 1.53
N TRP A 208 -15.01 -13.21 2.73
CA TRP A 208 -14.88 -14.38 3.64
C TRP A 208 -15.91 -15.42 3.30
N ILE A 209 -15.47 -16.68 3.31
CA ILE A 209 -16.31 -17.83 3.16
C ILE A 209 -15.94 -18.73 4.32
N VAL A 210 -16.84 -18.85 5.29
CA VAL A 210 -16.53 -19.62 6.49
C VAL A 210 -17.42 -20.84 6.47
N LEU A 211 -16.80 -22.03 6.47
CA LEU A 211 -17.53 -23.26 6.47
C LEU A 211 -18.25 -23.53 7.78
N LYS A 212 -19.47 -24.05 7.63
CA LYS A 212 -20.33 -24.46 8.75
C LYS A 212 -19.71 -25.62 9.54
N GLU A 213 -19.17 -26.59 8.81
CA GLU A 213 -18.77 -27.87 9.40
C GLU A 213 -17.27 -27.77 9.75
N PRO A 214 -16.90 -27.94 11.00
CA PRO A 214 -15.47 -27.99 11.39
C PRO A 214 -14.83 -29.28 10.94
N ILE A 215 -13.53 -29.27 10.88
CA ILE A 215 -12.75 -30.51 10.77
C ILE A 215 -12.27 -30.81 12.22
N SER A 216 -11.99 -32.10 12.48
CA SER A 216 -11.46 -32.49 13.79
CA SER A 216 -11.43 -32.51 13.77
C SER A 216 -9.93 -32.35 13.74
N VAL A 217 -9.33 -32.10 14.89
CA VAL A 217 -7.84 -32.07 15.09
C VAL A 217 -7.65 -32.81 16.42
N SER A 218 -6.62 -33.63 16.58
CA SER A 218 -6.41 -34.26 17.87
C SER A 218 -5.80 -33.22 18.85
N SER A 219 -5.90 -33.51 20.14
CA SER A 219 -5.31 -32.70 21.13
C SER A 219 -3.75 -32.63 20.94
N GLU A 220 -3.19 -33.74 20.47
CA GLU A 220 -1.77 -33.82 20.24
C GLU A 220 -1.35 -33.06 18.96
N GLN A 221 -2.19 -33.08 17.91
CA GLN A 221 -1.92 -32.31 16.69
C GLN A 221 -1.86 -30.82 17.00
N VAL A 222 -2.86 -30.29 17.68
CA VAL A 222 -2.86 -28.89 17.95
C VAL A 222 -1.83 -28.48 18.98
N LEU A 223 -1.48 -29.38 19.89
CA LEU A 223 -0.41 -29.12 20.83
C LEU A 223 0.91 -28.82 20.09
N LYS A 224 1.17 -29.55 18.99
CA LYS A 224 2.38 -29.32 18.19
C LYS A 224 2.46 -27.92 17.60
N PHE A 225 1.31 -27.32 17.31
CA PHE A 225 1.29 -25.96 16.78
C PHE A 225 1.83 -25.00 17.88
N ARG A 226 1.52 -25.32 19.16
CA ARG A 226 1.86 -24.46 20.29
C ARG A 226 3.34 -24.55 20.67
N LYS A 227 4.11 -25.43 20.03
CA LYS A 227 5.51 -25.55 20.32
C LYS A 227 6.33 -24.72 19.33
N LEU A 228 5.67 -24.13 18.35
CA LEU A 228 6.39 -23.19 17.48
C LEU A 228 6.78 -21.97 18.29
N ASN A 229 7.65 -21.15 17.73
CA ASN A 229 8.14 -19.94 18.40
C ASN A 229 7.82 -18.72 17.57
N PHE A 230 7.29 -17.66 18.16
CA PHE A 230 7.20 -16.36 17.46
C PHE A 230 8.59 -15.78 17.08
N ASN A 231 9.56 -16.01 17.92
CA ASN A 231 10.90 -15.41 17.83
C ASN A 231 11.81 -16.14 16.82
N GLY A 232 12.86 -15.44 16.42
CA GLY A 232 13.94 -16.05 15.67
C GLY A 232 14.90 -16.83 16.49
N GLU A 233 15.75 -17.59 15.80
CA GLU A 233 16.74 -18.42 16.42
C GLU A 233 17.75 -17.53 17.18
N GLY A 234 18.12 -17.98 18.38
CA GLY A 234 18.96 -17.21 19.25
C GLY A 234 18.30 -16.03 19.96
N GLU A 235 17.00 -15.81 19.77
CA GLU A 235 16.24 -14.80 20.52
C GLU A 235 15.53 -15.53 21.68
N PRO A 236 15.08 -14.78 22.67
CA PRO A 236 14.30 -15.41 23.76
C PRO A 236 13.08 -16.15 23.22
N GLU A 237 12.83 -17.33 23.75
CA GLU A 237 11.71 -18.14 23.35
C GLU A 237 10.35 -17.55 23.81
N GLU A 238 9.51 -17.33 22.84
CA GLU A 238 8.11 -16.91 23.03
C GLU A 238 7.27 -17.87 22.22
N LEU A 239 6.52 -18.71 22.90
CA LEU A 239 5.80 -19.73 22.20
C LEU A 239 4.62 -19.11 21.37
N MET A 240 4.47 -19.59 20.17
CA MET A 240 3.48 -19.16 19.20
C MET A 240 2.12 -19.77 19.56
N VAL A 241 1.36 -19.02 20.35
CA VAL A 241 0.03 -19.37 20.85
C VAL A 241 -0.80 -18.08 20.87
N ASP A 242 -2.11 -18.27 20.74
CA ASP A 242 -3.10 -17.19 20.80
C ASP A 242 -2.86 -16.14 19.74
N ASN A 243 -2.50 -16.61 18.55
CA ASN A 243 -2.31 -15.70 17.45
C ASN A 243 -3.60 -15.47 16.67
N TRP A 244 -4.63 -15.10 17.39
CA TRP A 244 -5.96 -14.82 16.81
C TRP A 244 -6.39 -13.42 17.24
N ARG A 245 -6.99 -12.77 16.30
CA ARG A 245 -7.74 -11.50 16.56
C ARG A 245 -9.15 -11.81 16.99
N PRO A 246 -9.65 -11.09 18.02
CA PRO A 246 -11.00 -11.32 18.41
C PRO A 246 -12.01 -10.76 17.41
N ALA A 247 -13.26 -11.16 17.59
CA ALA A 247 -14.36 -10.69 16.75
C ALA A 247 -14.55 -9.19 16.81
N GLN A 248 -14.72 -8.61 15.64
CA GLN A 248 -14.88 -7.19 15.45
C GLN A 248 -16.34 -6.83 15.17
N PRO A 249 -16.65 -5.56 15.35
CA PRO A 249 -18.07 -5.18 15.08
C PRO A 249 -18.52 -5.36 13.64
N LEU A 250 -19.70 -5.93 13.47
CA LEU A 250 -20.29 -6.18 12.16
C LEU A 250 -20.62 -4.91 11.43
N LYS A 251 -21.02 -3.90 12.21
CA LYS A 251 -21.39 -2.61 11.64
C LYS A 251 -22.52 -2.77 10.66
N ASN A 252 -22.41 -2.29 9.44
CA ASN A 252 -23.57 -2.31 8.53
C ASN A 252 -23.61 -3.54 7.62
N ARG A 253 -22.83 -4.60 7.93
CA ARG A 253 -22.74 -5.71 7.05
C ARG A 253 -23.79 -6.77 7.35
N GLN A 254 -24.06 -7.58 6.34
CA GLN A 254 -24.94 -8.75 6.51
C GLN A 254 -24.15 -10.02 6.28
N ILE A 255 -24.31 -10.99 7.17
CA ILE A 255 -23.74 -12.30 6.95
C ILE A 255 -24.82 -13.20 6.29
N LYS A 256 -24.46 -13.80 5.16
CA LYS A 256 -25.38 -14.61 4.38
C LYS A 256 -24.99 -16.06 4.58
N ALA A 257 -26.01 -16.92 4.60
CA ALA A 257 -25.78 -18.37 4.67
C ALA A 257 -26.12 -19.01 3.33
N SER A 258 -25.36 -20.01 2.93
CA SER A 258 -25.58 -20.73 1.69
C SER A 258 -26.61 -21.82 1.85
N PHE A 259 -27.12 -22.04 3.07
CA PHE A 259 -27.90 -23.25 3.40
C PHE A 259 -29.13 -22.84 4.19
N LYS A 260 -30.19 -23.65 4.08
CA LYS A 260 -31.57 -23.29 4.61
C LYS A 260 -31.67 -23.62 6.10
N SER B 2 14.30 -6.19 -9.82
CA SER B 2 13.20 -5.64 -8.95
C SER B 2 12.08 -5.05 -9.77
N HIS B 3 10.91 -4.84 -9.12
CA HIS B 3 9.90 -3.99 -9.74
C HIS B 3 10.47 -2.61 -9.96
N HIS B 4 10.21 -2.07 -11.14
CA HIS B 4 10.72 -0.71 -11.46
C HIS B 4 9.84 -0.08 -12.55
N TRP B 5 10.09 1.18 -12.78
CA TRP B 5 9.36 1.98 -13.75
C TRP B 5 10.28 3.13 -14.12
N GLY B 6 9.95 3.77 -15.23
CA GLY B 6 10.67 4.97 -15.64
C GLY B 6 9.91 5.79 -16.62
N TYR B 7 10.66 6.42 -17.53
CA TYR B 7 10.06 7.28 -18.55
C TYR B 7 10.39 6.81 -20.00
N GLY B 8 10.99 5.61 -20.14
CA GLY B 8 11.36 5.04 -21.45
C GLY B 8 10.21 4.38 -22.20
N LYS B 9 10.52 3.87 -23.40
CA LYS B 9 9.51 3.28 -24.28
C LYS B 9 8.81 2.08 -23.64
N HIS B 10 9.55 1.31 -22.86
CA HIS B 10 9.06 0.04 -22.35
C HIS B 10 8.56 0.14 -20.89
N ASN B 11 9.05 1.10 -20.13
CA ASN B 11 8.68 1.20 -18.70
C ASN B 11 8.00 2.55 -18.32
N GLY B 12 7.62 3.31 -19.35
CA GLY B 12 7.13 4.71 -19.22
C GLY B 12 5.67 4.87 -18.90
N PRO B 13 5.17 6.13 -18.83
CA PRO B 13 3.80 6.41 -18.40
C PRO B 13 2.69 5.63 -19.02
N GLU B 14 2.80 5.33 -20.30
CA GLU B 14 1.78 4.54 -21.01
C GLU B 14 1.67 3.10 -20.47
N HIS B 15 2.72 2.60 -19.81
CA HIS B 15 2.74 1.24 -19.25
C HIS B 15 2.57 1.17 -17.71
N TRP B 16 2.53 2.30 -17.05
CA TRP B 16 2.45 2.29 -15.59
C TRP B 16 1.24 1.55 -15.04
N HIS B 17 0.13 1.60 -15.78
CA HIS B 17 -1.10 0.93 -15.43
C HIS B 17 -0.92 -0.56 -15.15
N LYS B 18 0.10 -1.19 -15.73
CA LYS B 18 0.27 -2.66 -15.59
C LYS B 18 0.54 -3.04 -14.14
N ASP B 19 1.51 -2.36 -13.50
CA ASP B 19 1.81 -2.57 -12.07
C ASP B 19 1.01 -1.66 -11.10
N PHE B 20 0.47 -0.53 -11.63
CA PHE B 20 -0.24 0.45 -10.82
C PHE B 20 -1.57 0.80 -11.48
N PRO B 21 -2.56 -0.03 -11.28
CA PRO B 21 -3.80 0.11 -12.04
C PRO B 21 -4.57 1.40 -11.76
N ILE B 22 -4.27 2.05 -10.64
CA ILE B 22 -4.83 3.34 -10.32
CA ILE B 22 -4.85 3.35 -10.31
C ILE B 22 -4.42 4.41 -11.34
N ALA B 23 -3.40 4.11 -12.16
CA ALA B 23 -3.04 5.00 -13.29
C ALA B 23 -4.22 5.40 -14.17
N LYS B 24 -5.25 4.57 -14.24
CA LYS B 24 -6.48 4.85 -14.97
C LYS B 24 -7.62 5.29 -14.05
N GLY B 25 -7.28 5.76 -12.86
CA GLY B 25 -8.27 6.20 -11.86
C GLY B 25 -8.96 7.51 -12.17
N GLU B 26 -9.82 7.86 -11.24
CA GLU B 26 -10.69 9.02 -11.39
C GLU B 26 -10.06 10.35 -10.99
N ARG B 27 -8.93 10.35 -10.30
CA ARG B 27 -8.32 11.59 -9.81
C ARG B 27 -6.82 11.64 -10.10
N GLN B 28 -6.44 11.33 -11.35
CA GLN B 28 -5.02 11.22 -11.68
C GLN B 28 -4.42 12.63 -12.05
N SER B 29 -3.12 12.79 -11.82
CA SER B 29 -2.37 14.01 -12.08
C SER B 29 -1.14 13.68 -12.93
N PRO B 30 -0.61 14.66 -13.65
CA PRO B 30 -1.10 16.02 -13.75
C PRO B 30 -2.32 16.18 -14.67
N VAL B 31 -2.80 17.42 -14.82
CA VAL B 31 -3.90 17.75 -15.72
C VAL B 31 -3.54 19.04 -16.49
N ASP B 32 -4.24 19.23 -17.59
CA ASP B 32 -4.14 20.52 -18.29
C ASP B 32 -5.11 21.50 -17.59
N ILE B 33 -4.66 22.71 -17.37
CA ILE B 33 -5.50 23.74 -16.71
C ILE B 33 -5.97 24.64 -17.85
N ASP B 34 -7.25 24.59 -18.14
CA ASP B 34 -7.89 25.51 -19.09
C ASP B 34 -8.37 26.79 -18.36
N THR B 35 -7.69 27.91 -18.61
CA THR B 35 -7.91 29.15 -17.81
C THR B 35 -9.25 29.76 -18.08
N HIS B 36 -9.91 29.33 -19.15
CA HIS B 36 -11.27 29.74 -19.44
C HIS B 36 -12.38 28.85 -18.88
N THR B 37 -12.06 27.68 -18.34
CA THR B 37 -13.06 26.86 -17.67
C THR B 37 -12.76 26.59 -16.19
N ALA B 38 -11.53 26.82 -15.73
CA ALA B 38 -11.26 26.78 -14.29
C ALA B 38 -12.23 27.77 -13.57
N LYS B 39 -12.77 27.33 -12.45
CA LYS B 39 -13.85 28.02 -11.82
C LYS B 39 -13.29 28.96 -10.75
N TYR B 40 -13.56 30.28 -10.88
CA TYR B 40 -13.23 31.26 -9.83
C TYR B 40 -13.97 30.88 -8.55
N ASP B 41 -13.21 30.79 -7.47
CA ASP B 41 -13.73 30.48 -6.15
C ASP B 41 -13.17 31.41 -5.14
N PRO B 42 -13.83 32.56 -4.91
CA PRO B 42 -13.32 33.52 -3.93
C PRO B 42 -13.52 33.09 -2.47
N SER B 43 -14.11 31.92 -2.21
CA SER B 43 -14.07 31.38 -0.85
C SER B 43 -12.73 30.79 -0.53
N LEU B 44 -11.91 30.50 -1.54
CA LEU B 44 -10.57 29.99 -1.24
C LEU B 44 -9.72 30.98 -0.49
N LYS B 45 -9.11 30.56 0.61
CA LYS B 45 -8.29 31.43 1.42
C LYS B 45 -6.88 31.70 0.79
N PRO B 46 -6.23 32.79 1.19
CA PRO B 46 -4.83 32.97 0.79
C PRO B 46 -3.98 31.81 1.31
N LEU B 47 -2.99 31.43 0.53
CA LEU B 47 -2.08 30.39 0.96
C LEU B 47 -1.13 30.94 2.00
N SER B 48 -0.89 30.23 3.08
CA SER B 48 0.13 30.63 4.08
C SER B 48 1.33 29.69 3.94
N VAL B 49 2.43 30.23 3.45
CA VAL B 49 3.65 29.45 3.24
C VAL B 49 4.57 29.91 4.37
N SER B 50 4.79 29.08 5.39
CA SER B 50 5.69 29.37 6.49
C SER B 50 6.94 28.52 6.43
N TYR B 51 7.98 29.06 5.80
CA TYR B 51 9.21 28.31 5.58
C TYR B 51 10.41 28.92 6.26
N ASP B 52 10.17 29.78 7.23
CA ASP B 52 11.24 30.53 7.89
C ASP B 52 12.23 29.64 8.61
N GLN B 53 11.78 28.50 9.12
CA GLN B 53 12.66 27.57 9.84
C GLN B 53 12.99 26.30 9.06
N ALA B 54 12.78 26.30 7.72
CA ALA B 54 13.02 25.12 6.93
C ALA B 54 14.43 24.63 7.11
N THR B 55 14.55 23.32 7.27
CA THR B 55 15.82 22.68 7.54
C THR B 55 16.07 21.59 6.52
N SER B 56 16.81 21.95 5.47
CA SER B 56 17.19 20.98 4.45
C SER B 56 18.27 20.06 5.02
N LEU B 57 18.24 18.81 4.58
CA LEU B 57 19.21 17.84 5.02
C LEU B 57 20.14 17.26 3.94
N ARG B 58 19.57 16.85 2.81
CA ARG B 58 20.33 16.16 1.81
C ARG B 58 19.69 16.31 0.45
N ILE B 59 20.50 16.06 -0.57
CA ILE B 59 20.01 16.01 -1.94
C ILE B 59 20.41 14.64 -2.54
N LEU B 60 19.51 14.02 -3.25
CA LEU B 60 19.78 12.73 -3.80
C LEU B 60 19.17 12.50 -5.14
N ASN B 61 19.85 11.66 -5.92
CA ASN B 61 19.37 11.23 -7.19
C ASN B 61 18.73 9.86 -7.01
N ASN B 62 17.43 9.80 -7.23
CA ASN B 62 16.69 8.54 -7.02
C ASN B 62 16.47 7.73 -8.27
N GLY B 63 17.09 8.14 -9.38
CA GLY B 63 16.89 7.45 -10.67
C GLY B 63 15.72 7.92 -11.47
N HIS B 64 14.92 8.83 -10.90
CA HIS B 64 13.77 9.40 -11.60
C HIS B 64 13.83 10.95 -11.60
N ALA B 65 14.35 11.53 -10.54
CA ALA B 65 14.55 12.99 -10.39
C ALA B 65 15.54 13.18 -9.27
N PHE B 66 15.75 14.40 -8.82
CA PHE B 66 16.55 14.59 -7.60
C PHE B 66 15.64 15.24 -6.55
N ASN B 67 15.77 14.78 -5.30
CA ASN B 67 15.00 15.33 -4.18
C ASN B 67 15.93 16.06 -3.27
N VAL B 68 15.45 17.21 -2.77
CA VAL B 68 16.03 17.85 -1.62
C VAL B 68 15.10 17.53 -0.44
N GLU B 69 15.64 16.83 0.55
CA GLU B 69 14.86 16.36 1.71
C GLU B 69 15.01 17.28 2.88
N PHE B 70 13.93 17.44 3.67
CA PHE B 70 13.89 18.31 4.85
C PHE B 70 13.57 17.55 6.09
N ASP B 71 13.96 18.13 7.22
CA ASP B 71 13.56 17.63 8.55
C ASP B 71 12.06 17.96 8.72
N ASP B 72 11.22 16.92 8.71
CA ASP B 72 9.77 17.04 8.87
C ASP B 72 9.28 16.49 10.21
N SER B 73 10.17 16.47 11.18
CA SER B 73 9.88 15.93 12.52
C SER B 73 9.08 16.92 13.36
N GLN B 74 9.09 18.20 12.96
CA GLN B 74 8.39 19.27 13.63
C GLN B 74 7.85 20.23 12.57
N ASP B 75 7.04 21.22 12.98
CA ASP B 75 6.46 22.22 12.06
C ASP B 75 7.44 23.33 11.64
N LYS B 76 8.56 22.96 11.05
CA LYS B 76 9.58 23.93 10.65
C LYS B 76 9.29 24.61 9.33
N ALA B 77 8.61 23.91 8.44
CA ALA B 77 8.30 24.43 7.12
C ALA B 77 6.94 23.87 6.79
N VAL B 78 5.92 24.72 6.79
CA VAL B 78 4.56 24.25 6.64
C VAL B 78 3.78 25.11 5.66
N LEU B 79 2.77 24.47 5.08
CA LEU B 79 1.76 25.07 4.24
C LEU B 79 0.42 24.96 4.96
N LYS B 80 -0.29 26.10 5.05
CA LYS B 80 -1.65 26.13 5.64
C LYS B 80 -2.49 27.08 4.78
N GLY B 81 -3.78 27.18 5.09
CA GLY B 81 -4.69 28.02 4.33
C GLY B 81 -4.94 27.50 2.92
N GLY B 82 -5.25 28.43 2.02
CA GLY B 82 -5.61 28.05 0.67
C GLY B 82 -6.86 27.17 0.76
N PRO B 83 -6.85 26.02 0.09
CA PRO B 83 -7.93 25.03 0.15
C PRO B 83 -7.74 24.02 1.27
N LEU B 84 -6.72 24.16 2.10
CA LEU B 84 -6.39 23.12 3.05
C LEU B 84 -6.98 23.31 4.39
N ASP B 85 -7.25 22.20 5.03
CA ASP B 85 -7.71 22.15 6.41
CA ASP B 85 -7.69 22.13 6.40
C ASP B 85 -6.52 21.57 7.19
N GLY B 86 -6.00 22.32 8.14
CA GLY B 86 -4.92 21.78 8.97
C GLY B 86 -3.54 22.17 8.44
N THR B 87 -2.54 21.50 8.96
CA THR B 87 -1.18 21.87 8.76
C THR B 87 -0.48 20.80 7.97
N TYR B 88 0.23 21.25 6.95
CA TYR B 88 0.96 20.30 6.05
C TYR B 88 2.43 20.60 6.08
N ARG B 89 3.23 19.63 6.44
CA ARG B 89 4.67 19.81 6.63
C ARG B 89 5.45 19.45 5.38
N LEU B 90 6.40 20.32 5.02
CA LEU B 90 7.30 20.08 3.92
C LEU B 90 8.24 18.91 4.21
N ILE B 91 8.25 17.93 3.32
CA ILE B 91 9.15 16.77 3.42
C ILE B 91 10.29 16.82 2.37
N GLN B 92 9.97 17.32 1.18
CA GLN B 92 10.98 17.32 0.11
C GLN B 92 10.47 18.19 -1.00
N PHE B 93 11.39 18.57 -1.88
CA PHE B 93 11.04 19.12 -3.18
C PHE B 93 11.88 18.43 -4.26
N HIS B 94 11.36 18.50 -5.47
CA HIS B 94 12.01 17.94 -6.64
C HIS B 94 11.43 18.67 -7.87
N PHE B 95 12.07 18.42 -9.00
CA PHE B 95 11.62 18.95 -10.26
C PHE B 95 11.31 17.89 -11.29
N HIS B 96 10.53 18.27 -12.32
CA HIS B 96 10.44 17.52 -13.56
C HIS B 96 10.86 18.50 -14.69
N TRP B 97 11.54 17.97 -15.73
CA TRP B 97 12.04 18.85 -16.77
C TRP B 97 12.18 18.11 -18.10
N GLY B 98 12.46 18.89 -19.15
CA GLY B 98 12.46 18.37 -20.50
C GLY B 98 13.83 18.23 -21.08
N SER B 99 13.86 17.68 -22.27
CA SER B 99 15.07 17.58 -23.08
C SER B 99 15.30 18.89 -23.87
N LEU B 100 14.27 19.72 -23.94
CA LEU B 100 14.30 20.99 -24.67
C LEU B 100 13.57 22.01 -23.83
N ASP B 101 13.86 23.28 -24.03
CA ASP B 101 13.21 24.31 -23.20
C ASP B 101 11.69 24.32 -23.33
N GLY B 102 11.18 23.86 -24.49
CA GLY B 102 9.76 23.97 -24.82
C GLY B 102 8.88 22.89 -24.19
N GLN B 103 9.48 22.05 -23.37
CA GLN B 103 8.71 21.01 -22.63
C GLN B 103 9.41 20.67 -21.32
N GLY B 104 8.70 19.94 -20.46
CA GLY B 104 9.23 19.55 -19.16
C GLY B 104 8.25 19.64 -18.04
N SER B 105 7.29 20.59 -18.08
CA SER B 105 6.27 20.63 -17.05
C SER B 105 5.28 19.46 -17.15
N GLU B 106 4.68 19.15 -15.98
CA GLU B 106 3.68 18.12 -15.91
C GLU B 106 2.34 18.74 -16.10
N HIS B 107 1.98 19.72 -15.25
CA HIS B 107 0.77 20.48 -15.56
C HIS B 107 1.04 21.35 -16.77
N THR B 108 0.00 21.70 -17.49
CA THR B 108 0.10 22.64 -18.60
C THR B 108 -0.99 23.71 -18.36
N VAL B 109 -0.83 24.87 -19.00
CA VAL B 109 -1.77 25.97 -18.85
C VAL B 109 -2.21 26.34 -20.27
N ASP B 110 -3.48 26.07 -20.56
CA ASP B 110 -4.00 26.22 -21.92
C ASP B 110 -3.11 25.49 -22.95
N LYS B 111 -2.67 24.31 -22.57
CA LYS B 111 -1.77 23.42 -23.30
C LYS B 111 -0.32 23.86 -23.41
N LYS B 112 0.02 25.02 -22.88
CA LYS B 112 1.40 25.49 -22.84
C LYS B 112 2.20 24.67 -21.83
N LYS B 113 3.38 24.21 -22.22
CA LYS B 113 4.35 23.52 -21.35
C LYS B 113 5.46 24.46 -20.98
N TYR B 114 5.83 24.39 -19.73
CA TYR B 114 6.99 25.10 -19.26
C TYR B 114 8.19 24.23 -19.33
N ALA B 115 9.33 24.85 -19.10
CA ALA B 115 10.61 24.13 -19.14
C ALA B 115 10.81 23.14 -18.03
N ALA B 116 10.22 23.45 -16.88
CA ALA B 116 10.30 22.53 -15.77
C ALA B 116 9.20 22.87 -14.80
N GLU B 117 9.02 21.98 -13.82
CA GLU B 117 8.02 22.21 -12.79
C GLU B 117 8.58 21.75 -11.47
N LEU B 118 8.46 22.58 -10.46
CA LEU B 118 8.94 22.35 -9.10
C LEU B 118 7.75 21.85 -8.27
N HIS B 119 7.96 20.80 -7.49
CA HIS B 119 6.99 20.24 -6.60
C HIS B 119 7.52 20.24 -5.21
N LEU B 120 6.88 21.04 -4.36
CA LEU B 120 7.15 21.09 -2.94
C LEU B 120 6.08 20.25 -2.28
N VAL B 121 6.56 19.15 -1.66
CA VAL B 121 5.69 18.08 -1.21
C VAL B 121 5.48 18.17 0.28
N HIS B 122 4.20 18.24 0.71
CA HIS B 122 3.85 18.38 2.11
C HIS B 122 2.85 17.31 2.53
N TRP B 123 2.86 16.94 3.82
CA TRP B 123 1.91 15.93 4.33
C TRP B 123 1.19 16.47 5.57
N ASN B 124 -0.05 16.00 5.69
CA ASN B 124 -1.01 16.46 6.70
C ASN B 124 -0.71 15.88 8.07
N THR B 125 -0.37 16.76 9.01
CA THR B 125 0.20 16.40 10.32
C THR B 125 -0.81 15.62 11.12
N LYS B 126 -2.09 15.69 10.78
CA LYS B 126 -3.03 14.91 11.59
C LYS B 126 -2.90 13.43 11.38
N TYR B 127 -2.17 12.99 10.35
CA TYR B 127 -1.86 11.54 10.17
C TYR B 127 -0.61 11.01 10.76
N GLY B 128 0.13 11.86 11.45
CA GLY B 128 1.24 11.33 12.25
C GLY B 128 2.55 11.14 11.53
N ASP B 129 2.55 10.60 10.30
CA ASP B 129 3.74 10.56 9.45
C ASP B 129 3.37 10.43 7.97
N PHE B 130 4.37 10.73 7.14
CA PHE B 130 4.18 10.71 5.70
C PHE B 130 3.57 9.36 5.20
N GLY B 131 4.07 8.24 5.74
CA GLY B 131 3.58 6.93 5.38
C GLY B 131 2.13 6.70 5.60
N LYS B 132 1.57 7.22 6.71
CA LYS B 132 0.15 7.16 6.96
C LYS B 132 -0.59 8.15 6.07
N ALA B 133 -0.02 9.35 5.88
CA ALA B 133 -0.66 10.40 5.14
C ALA B 133 -0.91 9.96 3.68
N VAL B 134 0.04 9.29 3.06
CA VAL B 134 -0.17 8.92 1.65
C VAL B 134 -1.29 7.97 1.33
N GLN B 135 -1.84 7.33 2.37
CA GLN B 135 -2.90 6.42 2.19
C GLN B 135 -4.23 7.11 2.41
N GLN B 136 -4.26 8.43 2.54
CA GLN B 136 -5.49 9.18 2.77
C GLN B 136 -5.76 10.14 1.64
N PRO B 137 -7.04 10.39 1.32
CA PRO B 137 -7.37 11.31 0.23
C PRO B 137 -6.89 12.72 0.47
N ASP B 138 -6.85 13.12 1.74
CA ASP B 138 -6.39 14.45 2.14
C ASP B 138 -4.98 14.44 2.77
N GLY B 139 -4.13 13.48 2.39
CA GLY B 139 -2.86 13.24 3.05
C GLY B 139 -1.75 14.19 2.64
N LEU B 140 -1.72 14.55 1.37
CA LEU B 140 -0.63 15.39 0.84
C LEU B 140 -1.14 16.68 0.25
N ALA B 141 -0.27 17.67 0.24
CA ALA B 141 -0.49 18.93 -0.52
C ALA B 141 0.79 19.17 -1.26
N VAL B 142 0.69 19.25 -2.59
CA VAL B 142 1.88 19.53 -3.37
C VAL B 142 1.67 20.90 -3.96
N LEU B 143 2.66 21.76 -3.72
CA LEU B 143 2.69 23.09 -4.32
C LEU B 143 3.52 23.00 -5.57
N GLY B 144 2.90 23.31 -6.69
CA GLY B 144 3.56 23.20 -7.99
C GLY B 144 3.81 24.57 -8.54
N ILE B 145 5.03 24.74 -9.03
CA ILE B 145 5.56 26.03 -9.49
C ILE B 145 6.25 25.81 -10.81
N PHE B 146 5.76 26.54 -11.81
CA PHE B 146 6.31 26.41 -13.18
C PHE B 146 7.64 27.11 -13.24
N LEU B 147 8.56 26.53 -14.03
CA LEU B 147 9.81 27.24 -14.38
C LEU B 147 9.82 27.60 -15.84
N LYS B 148 9.90 28.92 -16.12
CA LYS B 148 9.95 29.44 -17.49
C LYS B 148 11.37 29.83 -17.72
N VAL B 149 11.90 29.52 -18.89
CA VAL B 149 13.26 29.90 -19.21
C VAL B 149 13.35 31.40 -19.41
N GLY B 150 14.33 32.03 -18.75
CA GLY B 150 14.47 33.51 -18.78
C GLY B 150 15.71 33.99 -18.04
N SER B 151 15.49 34.90 -17.10
CA SER B 151 16.49 35.33 -16.15
C SER B 151 16.89 34.20 -15.20
N ALA B 152 18.14 34.19 -14.82
CA ALA B 152 18.60 33.19 -13.81
C ALA B 152 17.83 33.40 -12.50
N LYS B 153 17.55 32.31 -11.79
CA LYS B 153 16.96 32.37 -10.46
C LYS B 153 18.10 32.22 -9.42
N PRO B 154 18.40 33.28 -8.64
CA PRO B 154 19.54 33.20 -7.67
C PRO B 154 19.31 32.09 -6.67
N GLY B 155 18.07 31.94 -6.28
CA GLY B 155 17.71 30.95 -5.31
C GLY B 155 17.88 29.50 -5.73
N LEU B 156 18.03 29.24 -7.00
CA LEU B 156 18.15 27.91 -7.51
C LEU B 156 19.59 27.55 -7.59
N GLN B 157 20.47 28.56 -7.59
CA GLN B 157 21.88 28.32 -7.91
C GLN B 157 22.62 27.32 -6.97
N LYS B 158 22.33 27.36 -5.67
CA LYS B 158 22.88 26.40 -4.72
C LYS B 158 22.55 24.97 -5.11
N VAL B 159 21.33 24.74 -5.65
CA VAL B 159 20.91 23.41 -6.15
C VAL B 159 21.76 23.04 -7.35
N VAL B 160 21.78 23.94 -8.34
CA VAL B 160 22.55 23.69 -9.56
C VAL B 160 24.03 23.36 -9.26
N ASP B 161 24.63 24.07 -8.30
CA ASP B 161 26.04 23.93 -8.01
C ASP B 161 26.42 22.57 -7.41
N VAL B 162 25.46 21.84 -6.84
CA VAL B 162 25.74 20.53 -6.23
C VAL B 162 25.37 19.35 -7.15
N LEU B 163 24.75 19.60 -8.32
CA LEU B 163 24.28 18.48 -9.16
C LEU B 163 25.40 17.59 -9.63
N ASP B 164 26.59 18.14 -9.85
CA ASP B 164 27.73 17.32 -10.30
CA ASP B 164 27.74 17.31 -10.31
C ASP B 164 28.14 16.25 -9.29
N SER B 165 27.74 16.41 -8.02
CA SER B 165 28.06 15.37 -7.01
C SER B 165 27.00 14.29 -6.87
N ILE B 166 25.88 14.40 -7.59
CA ILE B 166 24.80 13.39 -7.55
C ILE B 166 24.42 13.01 -8.97
N LYS B 167 25.43 12.80 -9.81
CA LYS B 167 25.14 12.56 -11.23
C LYS B 167 24.28 11.33 -11.50
N THR B 168 24.55 10.22 -10.79
CA THR B 168 23.92 8.94 -11.07
C THR B 168 23.02 8.45 -9.95
N LYS B 169 22.15 7.51 -10.31
CA LYS B 169 21.15 6.98 -9.43
C LYS B 169 21.79 6.45 -8.16
N GLY B 170 21.24 6.84 -7.00
CA GLY B 170 21.69 6.39 -5.71
C GLY B 170 22.71 7.30 -5.05
N LYS B 171 23.21 8.30 -5.76
CA LYS B 171 24.17 9.21 -5.15
C LYS B 171 23.41 10.23 -4.29
N SER B 172 24.00 10.58 -3.15
CA SER B 172 23.40 11.61 -2.28
C SER B 172 24.51 12.47 -1.75
N ALA B 173 24.15 13.64 -1.26
CA ALA B 173 25.10 14.56 -0.70
C ALA B 173 24.45 15.37 0.35
N ASP B 174 25.23 15.77 1.35
CA ASP B 174 24.75 16.69 2.41
C ASP B 174 24.26 17.96 1.74
N PHE B 175 23.17 18.52 2.21
CA PHE B 175 22.63 19.72 1.56
C PHE B 175 21.84 20.49 2.61
N THR B 176 22.61 21.21 3.41
CA THR B 176 22.05 21.96 4.51
C THR B 176 21.91 23.43 4.21
N ASN B 177 21.06 24.05 5.01
CA ASN B 177 20.81 25.50 4.99
C ASN B 177 20.28 26.04 3.67
N PHE B 178 19.60 25.19 2.90
CA PHE B 178 18.95 25.64 1.68
C PHE B 178 17.62 26.27 2.03
N ASP B 179 17.40 27.49 1.53
CA ASP B 179 16.18 28.21 1.78
C ASP B 179 15.14 28.10 0.63
N PRO B 180 14.06 27.35 0.83
CA PRO B 180 13.12 27.17 -0.24
C PRO B 180 12.26 28.37 -0.57
N ARG B 181 12.23 29.39 0.30
CA ARG B 181 11.60 30.64 -0.04
C ARG B 181 12.21 31.25 -1.31
N GLY B 182 13.47 30.96 -1.56
CA GLY B 182 14.13 31.50 -2.75
C GLY B 182 13.63 30.91 -4.06
N LEU B 183 12.76 29.90 -4.01
CA LEU B 183 12.16 29.33 -5.20
C LEU B 183 10.74 29.80 -5.44
N LEU B 184 10.22 30.75 -4.66
CA LEU B 184 8.82 31.11 -4.78
C LEU B 184 8.69 32.33 -5.69
N PRO B 185 7.57 32.47 -6.39
CA PRO B 185 7.33 33.68 -7.16
C PRO B 185 6.74 34.69 -6.20
N GLU B 186 6.57 35.93 -6.67
CA GLU B 186 6.02 36.98 -5.78
CA GLU B 186 6.02 37.02 -5.83
C GLU B 186 4.53 36.81 -5.52
N SER B 187 3.76 36.39 -6.52
CA SER B 187 2.30 36.11 -6.37
C SER B 187 2.08 34.69 -5.94
N LEU B 188 1.19 34.51 -4.97
CA LEU B 188 0.74 33.22 -4.54
C LEU B 188 -0.70 32.91 -5.05
N ASP B 189 -1.15 33.61 -6.08
CA ASP B 189 -2.37 33.22 -6.76
C ASP B 189 -2.20 31.76 -7.27
N TYR B 190 -3.28 30.98 -7.18
CA TYR B 190 -3.17 29.54 -7.53
C TYR B 190 -4.46 28.91 -8.12
N TRP B 191 -4.26 27.79 -8.81
CA TRP B 191 -5.31 26.85 -9.11
C TRP B 191 -5.23 25.73 -8.13
N THR B 192 -6.35 25.05 -7.91
CA THR B 192 -6.33 23.86 -7.05
C THR B 192 -7.32 22.78 -7.50
N TYR B 193 -6.95 21.51 -7.33
CA TYR B 193 -7.86 20.45 -7.69
C TYR B 193 -7.37 19.20 -6.95
N PRO B 194 -8.24 18.23 -6.78
CA PRO B 194 -7.86 16.94 -6.14
C PRO B 194 -7.24 15.96 -7.15
N GLY B 195 -6.06 15.48 -6.80
CA GLY B 195 -5.42 14.57 -7.67
C GLY B 195 -4.50 13.55 -6.98
N SER B 196 -3.44 13.21 -7.68
CA SER B 196 -2.54 12.17 -7.29
C SER B 196 -1.10 12.47 -7.33
N LEU B 197 -0.31 11.53 -6.83
CA LEU B 197 1.14 11.52 -7.16
C LEU B 197 1.29 11.34 -8.66
N THR B 198 2.26 12.04 -9.27
CA THR B 198 2.46 11.96 -10.70
C THR B 198 3.44 10.89 -11.10
N THR B 199 3.94 10.14 -10.14
CA THR B 199 4.76 9.00 -10.39
C THR B 199 4.11 7.80 -9.67
N PRO B 200 4.39 6.57 -10.12
CA PRO B 200 4.06 5.38 -9.31
C PRO B 200 4.51 5.55 -7.83
N PRO B 201 3.65 5.21 -6.86
CA PRO B 201 2.42 4.48 -7.03
C PRO B 201 1.11 5.23 -7.39
N LEU B 202 1.20 6.51 -7.75
CA LEU B 202 0.11 7.22 -8.37
C LEU B 202 -1.10 7.39 -7.44
N LEU B 203 -0.81 7.36 -6.15
CA LEU B 203 -1.90 7.37 -5.11
C LEU B 203 -2.70 8.66 -5.21
N GLU B 204 -4.03 8.53 -5.01
CA GLU B 204 -4.92 9.66 -5.16
C GLU B 204 -5.05 10.31 -3.79
N CYS B 205 -3.96 10.90 -3.33
CA CYS B 205 -3.88 11.47 -1.97
C CYS B 205 -3.46 12.94 -1.93
N VAL B 206 -3.52 13.63 -3.07
CA VAL B 206 -2.93 14.96 -3.20
C VAL B 206 -3.95 16.05 -3.45
N THR B 207 -3.92 17.09 -2.62
CA THR B 207 -4.52 18.36 -2.95
C THR B 207 -3.45 19.16 -3.73
N TRP B 208 -3.67 19.37 -5.04
CA TRP B 208 -2.74 20.10 -5.89
C TRP B 208 -2.99 21.59 -5.72
N ILE B 209 -1.92 22.36 -5.57
CA ILE B 209 -1.96 23.81 -5.52
C ILE B 209 -0.89 24.23 -6.55
N VAL B 210 -1.34 24.76 -7.68
CA VAL B 210 -0.44 25.12 -8.77
C VAL B 210 -0.48 26.64 -8.85
N LEU B 211 0.69 27.25 -8.70
CA LEU B 211 0.81 28.70 -8.80
C LEU B 211 0.65 29.23 -10.23
N LYS B 212 -0.12 30.32 -10.35
CA LYS B 212 -0.31 31.01 -11.59
C LYS B 212 1.00 31.60 -12.13
N GLU B 213 1.84 32.17 -11.23
CA GLU B 213 3.02 32.92 -11.66
C GLU B 213 4.21 31.92 -11.71
N PRO B 214 4.83 31.73 -12.85
CA PRO B 214 6.07 30.96 -12.90
C PRO B 214 7.22 31.70 -12.27
N ILE B 215 8.26 30.94 -11.92
CA ILE B 215 9.59 31.51 -11.65
C ILE B 215 10.38 31.38 -12.91
N SER B 216 11.39 32.27 -13.05
CA SER B 216 12.27 32.18 -14.18
CA SER B 216 12.34 32.25 -14.15
C SER B 216 13.47 31.29 -13.77
N VAL B 217 14.05 30.64 -14.76
CA VAL B 217 15.40 30.10 -14.60
CA VAL B 217 15.27 29.85 -14.67
C VAL B 217 16.11 30.21 -15.92
N SER B 218 17.42 30.25 -15.81
CA SER B 218 18.20 30.53 -17.00
C SER B 218 18.32 29.31 -17.87
N SER B 219 18.55 29.54 -19.16
CA SER B 219 18.71 28.40 -20.05
C SER B 219 19.88 27.52 -19.55
N GLU B 220 20.89 28.14 -18.95
CA GLU B 220 22.02 27.39 -18.43
C GLU B 220 21.71 26.60 -17.16
N GLN B 221 20.86 27.16 -16.30
CA GLN B 221 20.45 26.46 -15.07
C GLN B 221 19.70 25.19 -15.42
N VAL B 222 18.72 25.28 -16.34
CA VAL B 222 17.93 24.10 -16.65
C VAL B 222 18.77 23.11 -17.42
N LEU B 223 19.73 23.61 -18.20
CA LEU B 223 20.61 22.70 -18.94
C LEU B 223 21.38 21.76 -17.98
N LYS B 224 21.82 22.29 -16.85
CA LYS B 224 22.48 21.47 -15.81
C LYS B 224 21.64 20.31 -15.28
N PHE B 225 20.32 20.49 -15.24
CA PHE B 225 19.43 19.39 -14.83
C PHE B 225 19.57 18.22 -15.84
N ARG B 226 19.73 18.56 -17.14
CA ARG B 226 19.71 17.59 -18.20
C ARG B 226 20.98 16.79 -18.24
N LYS B 227 21.97 17.16 -17.46
CA LYS B 227 23.25 16.45 -17.47
C LYS B 227 23.25 15.40 -16.40
N LEU B 228 22.23 15.35 -15.54
CA LEU B 228 22.05 14.19 -14.63
C LEU B 228 21.75 12.90 -15.39
N ASN B 229 21.87 11.76 -14.71
CA ASN B 229 21.72 10.44 -15.34
C ASN B 229 20.61 9.69 -14.64
N PHE B 230 19.72 9.04 -15.39
CA PHE B 230 18.76 8.09 -14.80
C PHE B 230 19.43 6.82 -14.25
N ASN B 231 20.51 6.41 -14.90
CA ASN B 231 21.24 5.17 -14.59
C ASN B 231 22.22 5.30 -13.42
N GLY B 232 22.58 4.16 -12.87
CA GLY B 232 23.63 4.14 -11.86
C GLY B 232 25.03 4.15 -12.43
N GLU B 233 26.00 4.41 -11.54
CA GLU B 233 27.41 4.52 -11.91
C GLU B 233 27.90 3.21 -12.57
N GLY B 234 28.66 3.36 -13.66
CA GLY B 234 29.12 2.24 -14.45
C GLY B 234 28.06 1.56 -15.30
N GLU B 235 26.84 2.08 -15.36
CA GLU B 235 25.83 1.56 -16.28
C GLU B 235 25.89 2.47 -17.51
N PRO B 236 25.32 2.02 -18.65
CA PRO B 236 25.22 2.89 -19.83
C PRO B 236 24.51 4.24 -19.52
N GLU B 237 25.07 5.34 -20.03
CA GLU B 237 24.54 6.68 -19.75
C GLU B 237 23.21 6.93 -20.42
N GLU B 238 22.21 7.30 -19.60
CA GLU B 238 20.88 7.64 -20.04
C GLU B 238 20.59 8.99 -19.34
N LEU B 239 20.55 10.04 -20.12
CA LEU B 239 20.43 11.36 -19.52
C LEU B 239 19.04 11.51 -18.93
N MET B 240 19.01 12.15 -17.78
CA MET B 240 17.76 12.38 -17.05
C MET B 240 17.12 13.63 -17.65
N VAL B 241 16.24 13.37 -18.61
CA VAL B 241 15.43 14.38 -19.29
C VAL B 241 14.09 13.78 -19.53
N ASP B 242 13.08 14.63 -19.65
CA ASP B 242 11.70 14.25 -19.99
C ASP B 242 11.14 13.29 -18.93
N ASN B 243 11.44 13.66 -17.69
CA ASN B 243 10.92 12.86 -16.52
C ASN B 243 9.60 13.49 -16.08
N TRP B 244 8.70 13.65 -17.03
CA TRP B 244 7.37 14.16 -16.79
C TRP B 244 6.31 13.22 -17.30
N ARG B 245 5.19 13.18 -16.57
CA ARG B 245 4.00 12.46 -16.96
C ARG B 245 3.15 13.42 -17.75
N PRO B 246 2.55 12.94 -18.85
CA PRO B 246 1.63 13.86 -19.57
C PRO B 246 0.34 14.08 -18.83
N ALA B 247 -0.38 15.09 -19.26
CA ALA B 247 -1.69 15.43 -18.65
C ALA B 247 -2.68 14.29 -18.77
N GLN B 248 -3.44 14.08 -17.70
CA GLN B 248 -4.40 13.02 -17.61
C GLN B 248 -5.81 13.55 -17.65
N PRO B 249 -6.78 12.70 -17.98
CA PRO B 249 -8.12 13.21 -18.07
C PRO B 249 -8.65 13.77 -16.72
N LEU B 250 -9.35 14.91 -16.82
CA LEU B 250 -9.92 15.56 -15.68
C LEU B 250 -11.09 14.77 -15.07
N LYS B 251 -11.82 14.08 -15.93
CA LYS B 251 -12.97 13.26 -15.53
C LYS B 251 -14.00 14.13 -14.83
N ASN B 252 -14.45 13.81 -13.64
CA ASN B 252 -15.53 14.60 -13.07
C ASN B 252 -15.03 15.72 -12.17
N ARG B 253 -13.75 16.11 -12.27
CA ARG B 253 -13.21 17.06 -11.32
C ARG B 253 -13.36 18.48 -11.82
N GLN B 254 -13.35 19.40 -10.88
CA GLN B 254 -13.35 20.81 -11.16
C GLN B 254 -12.04 21.47 -10.68
N ILE B 255 -11.39 22.23 -11.57
CA ILE B 255 -10.23 23.00 -11.16
C ILE B 255 -10.76 24.41 -10.70
N LYS B 256 -10.37 24.82 -9.51
CA LYS B 256 -10.73 26.12 -8.96
C LYS B 256 -9.54 27.08 -9.08
N ALA B 257 -9.85 28.35 -9.31
CA ALA B 257 -8.86 29.40 -9.28
C ALA B 257 -9.11 30.30 -8.07
N SER B 258 -8.06 30.74 -7.42
CA SER B 258 -8.17 31.68 -6.28
C SER B 258 -8.29 33.13 -6.75
N PHE B 259 -8.22 33.34 -8.07
CA PHE B 259 -8.07 34.65 -8.70
C PHE B 259 -8.94 34.70 -9.97
N LYS B 260 -9.35 35.88 -10.35
CA LYS B 260 -10.25 36.09 -11.53
C LYS B 260 -9.47 36.31 -12.82
OAA 4SO C 1 -6.36 -14.93 6.15
OAB 4SO C 1 -0.84 -11.94 2.96
CAC 4SO C 1 -2.59 -11.63 6.12
CAD 4SO C 1 -3.72 -12.19 6.70
CAE 4SO C 1 -4.53 -13.08 6.06
SAF 4SO C 1 -5.95 -13.76 6.90
NAG 4SO C 1 -5.55 -13.99 8.38
CAH 4SO C 1 -1.08 -11.52 4.12
CAI 4SO C 1 -2.24 -12.03 4.81
CAJ 4SO C 1 -3.08 -12.97 4.18
CAK 4SO C 1 -4.25 -13.53 4.76
OAL 4SO C 1 -7.02 -12.69 6.83
O A1IJ4 C 2 2.70 0.83 5.70
C A1IJ4 C 2 3.78 0.25 5.56
C118 A1IJ4 C 2 3.07 -1.90 6.63
C119 A1IJ4 C 2 2.39 -2.90 5.70
C120 A1IJ4 C 2 3.44 -3.97 5.34
C121 A1IJ4 C 2 2.74 -5.33 5.08
C122 A1IJ4 C 2 1.24 -6.37 3.49
C123 A1IJ4 C 2 0.30 -6.20 2.51
N31 A1IJ4 C 2 3.96 -1.06 5.86
O71 A1IJ4 C 2 1.92 -5.25 3.90
C124 A1IJ4 C 2 1.45 -7.67 4.01
C125 A1IJ4 C 2 -0.47 -7.27 2.06
C126 A1IJ4 C 2 -0.27 -8.54 2.63
C127 A1IJ4 C 2 0.70 -8.75 3.60
C128 A1IJ4 C 2 0.94 -10.03 4.18
N A1IJ4 C 2 -0.31 -10.60 4.74
C2 QUJ C 3 5.00 2.08 4.48
C3 QUJ C 3 3.91 2.90 4.08
C4 QUJ C 3 4.16 4.09 3.41
C5 QUJ C 3 5.45 4.48 3.12
C6 QUJ C 3 6.54 3.70 3.52
C8 QUJ C 3 7.87 4.07 3.25
C9 QUJ C 3 8.95 3.28 3.66
CA QUJ C 3 8.67 2.10 4.37
O QUJ C 3 10.79 1.31 4.32
C QUJ C 3 9.67 1.20 4.78
N11 QUJ C 3 7.38 1.78 4.61
C7 QUJ C 3 6.29 2.51 4.20
N QUJ C 3 4.89 0.87 5.15
OB QUJ C 3 8.08 5.25 2.59
CG QUJ C 3 9.39 5.79 2.35
CD QUJ C 3 9.23 7.15 1.68
CE2 QUJ C 3 8.62 6.96 0.29
O QUK C 4 5.22 -2.22 9.19
C QUK C 4 6.07 -1.45 8.71
C10 QUK C 4 7.36 -1.90 8.37
N11 QUK C 4 8.10 -1.21 7.47
C7 QUK C 4 9.38 -1.53 7.15
CA QUK C 4 10.05 -0.74 6.22
N QUK C 4 9.30 0.27 5.67
C9 QUK C 4 7.98 -3.00 9.01
C8 QUK C 4 9.30 -3.36 8.70
C6 QUK C 4 10.00 -2.61 7.76
C5 QUK C 4 11.31 -2.94 7.42
C4 QUK C 4 11.98 -2.18 6.49
C3 QUK C 4 11.35 -1.10 5.89
OB QUK C 4 9.93 -4.43 9.29
CG QUK C 4 9.28 -5.53 9.93
CD QUK C 4 10.35 -6.54 10.37
CE QUK C 4 10.63 -7.55 9.26
OB QVS C 5 3.10 5.16 8.95
C8 QVS C 5 4.11 4.27 8.70
C9 QVS C 5 5.33 4.70 8.19
CA QVS C 5 6.32 3.75 7.91
C QVS C 5 7.57 4.14 7.42
O QVS C 5 7.70 5.22 6.88
N11 QVS C 5 6.09 2.44 8.12
C7 QVS C 5 4.90 1.97 8.61
C6 QVS C 5 3.87 2.88 8.91
C5 QVS C 5 2.65 2.41 9.41
C4 QVS C 5 2.50 1.04 9.63
C3 QVS C 5 3.54 0.14 9.37
C2 QVS C 5 4.74 0.58 8.82
N QVS C 5 5.85 -0.14 8.52
O QVE C 6 9.48 -0.19 10.64
C QVE C 6 10.61 -0.37 10.17
CA QVE C 6 11.13 0.57 9.25
N11 QVE C 6 10.34 1.53 8.69
C7 QVE C 6 10.79 2.47 7.81
C2 QVE C 6 9.91 3.41 7.27
N QVE C 6 8.59 3.31 7.68
C9 QVE C 6 12.48 0.54 8.89
C8 QVE C 6 13.00 1.49 8.00
OB QVE C 6 14.34 1.47 7.66
CG QVE C 6 15.10 0.29 7.47
CD QVE C 6 16.21 0.23 8.47
OE2 QVE C 6 15.94 0.23 9.70
OE1 QVE C 6 17.38 0.20 8.02
C6 QVE C 6 12.15 2.45 7.42
C5 QVE C 6 12.63 3.42 6.54
C4 QVE C 6 11.77 4.37 6.00
C3 QVE C 6 10.42 4.37 6.36
OXT QVE C 6 11.35 -1.27 10.56
OAA 4SO D 1 4.96 15.66 -6.43
OAB 4SO D 1 6.87 10.45 -2.14
CAC 4SO D 1 5.92 10.88 -5.60
CAD 4SO D 1 5.47 11.88 -6.49
CAE 4SO D 1 5.25 13.16 -5.97
SAF 4SO D 1 4.66 14.38 -7.09
NAG 4SO D 1 5.48 14.16 -8.47
CAH 4SO D 1 6.67 10.18 -3.31
CAI 4SO D 1 6.19 11.16 -4.24
CAJ 4SO D 1 5.95 12.49 -3.77
CAK 4SO D 1 5.47 13.46 -4.65
OAL 4SO D 1 3.24 14.05 -7.41
O A1IJ4 D 2 3.01 -2.34 -4.22
C A1IJ4 D 2 4.10 -2.47 -3.68
C118 A1IJ4 D 2 4.96 -0.38 -4.64
C119 A1IJ4 D 2 5.19 0.88 -3.85
C120 A1IJ4 D 2 6.54 1.49 -4.11
C121 A1IJ4 D 2 6.58 2.98 -3.76
C122 A1IJ4 D 2 5.58 4.75 -2.45
C123 A1IJ4 D 2 4.59 5.18 -1.60
N31 A1IJ4 D 2 5.06 -1.55 -3.77
O71 A1IJ4 D 2 5.55 3.42 -2.79
C124 A1IJ4 D 2 6.56 5.62 -2.89
C125 A1IJ4 D 2 4.56 6.52 -1.22
C126 A1IJ4 D 2 5.54 7.40 -1.67
C127 A1IJ4 D 2 6.55 6.97 -2.51
C128 A1IJ4 D 2 7.57 7.87 -2.97
N A1IJ4 D 2 6.98 8.97 -3.80
C2 QUJ D 3 3.64 -4.55 -2.49
C3 QUJ D 3 2.24 -4.55 -2.49
C4 QUJ D 3 1.52 -5.58 -1.88
C5 QUJ D 3 2.18 -6.65 -1.29
C6 QUJ D 3 3.58 -6.67 -1.30
C8 QUJ D 3 4.28 -7.72 -0.70
C9 QUJ D 3 5.68 -7.71 -0.71
CA QUJ D 3 6.38 -6.67 -1.34
O QUJ D 3 8.44 -7.42 -0.66
C QUJ D 3 7.80 -6.63 -1.35
N11 QUJ D 3 5.67 -5.66 -1.88
C7 QUJ D 3 4.30 -5.63 -1.90
N QUJ D 3 4.47 -3.59 -3.03
OB QUJ D 3 3.57 -8.77 -0.10
CG QUJ D 3 4.20 -10.07 0.08
CD QUJ D 3 3.28 -11.18 -0.41
CE2 QUJ D 3 2.16 -11.25 0.63
O QUK D 4 7.67 -1.62 -6.40
C QUK D 4 7.73 -2.69 -5.81
C10 QUK D 4 8.88 -3.06 -5.06
N11 QUK D 4 8.78 -3.96 -4.06
C7 QUK D 4 9.85 -4.41 -3.34
CA QUK D 4 9.64 -5.37 -2.33
N QUK D 4 8.32 -5.73 -2.18
C9 QUK D 4 10.15 -2.56 -5.32
C8 QUK D 4 11.27 -3.01 -4.60
C6 QUK D 4 11.11 -3.92 -3.58
C5 QUK D 4 12.22 -4.39 -2.82
C4 QUK D 4 12.02 -5.31 -1.80
C3 QUK D 4 10.73 -5.80 -1.55
OB QUK D 4 12.55 -2.54 -4.81
CG QUK D 4 12.82 -1.61 -5.88
CD QUK D 4 14.31 -1.30 -5.98
CE QUK D 4 14.51 -0.10 -6.90
OB QVS D 5 1.81 -6.30 -7.80
C8 QVS D 5 2.94 -6.15 -7.13
C9 QVS D 5 3.48 -7.16 -6.35
CA QVS D 5 4.68 -6.96 -5.68
C QVS D 5 5.24 -8.01 -4.91
O QVS D 5 4.57 -8.98 -4.61
N11 QVS D 5 5.32 -5.80 -5.78
C7 QVS D 5 4.83 -4.78 -6.52
C6 QVS D 5 3.64 -4.93 -7.23
C5 QVS D 5 3.14 -3.88 -8.00
C4 QVS D 5 3.87 -2.69 -8.04
C3 QVS D 5 5.07 -2.55 -7.34
C2 QVS D 5 5.57 -3.57 -6.56
N QVS D 5 6.75 -3.61 -5.85
O QVE D 6 10.28 -5.81 -6.54
C QVE D 6 11.02 -6.47 -5.80
CA QVE D 6 10.50 -7.43 -4.94
N11 QVE D 6 9.18 -7.67 -4.82
C7 QVE D 6 8.68 -8.63 -3.99
C2 QVE D 6 7.29 -8.81 -3.89
N QVE D 6 6.54 -7.93 -4.65
C9 QVE D 6 11.38 -8.24 -4.20
C8 QVE D 6 10.90 -9.23 -3.33
OB QVE D 6 11.77 -10.02 -2.61
CG QVE D 6 13.15 -9.65 -2.46
CD QVE D 6 13.89 -10.59 -1.55
OE2 QVE D 6 13.31 -11.59 -1.07
OE1 QVE D 6 15.07 -10.30 -1.34
C6 QVE D 6 9.53 -9.47 -3.25
C5 QVE D 6 9.03 -10.46 -2.40
C4 QVE D 6 7.67 -10.64 -2.30
C3 QVE D 6 6.81 -9.83 -3.05
OXT QVE D 6 12.25 -6.38 -5.88
C VKC E 1 11.97 1.09 1.41
O VKC E 1 12.22 2.18 0.89
CA VKC E 1 13.01 0.37 2.24
CD VKC E 1 15.83 0.45 3.68
CG VKC E 1 15.31 0.64 2.29
OAD VKC E 1 14.08 1.28 2.48
OE1 VKC E 1 15.13 -0.72 4.10
C2 QUJ E 2 9.72 1.17 0.87
C3 QUJ E 2 9.83 2.18 -0.08
C4 QUJ E 2 8.67 2.71 -0.61
C5 QUJ E 2 7.41 2.26 -0.21
C6 QUJ E 2 7.31 1.26 0.76
C8 QUJ E 2 6.08 0.80 1.19
C9 QUJ E 2 6.02 -0.21 2.15
CA QUJ E 2 7.21 -0.73 2.67
O QUJ E 2 6.35 -1.92 4.46
C QUJ E 2 7.28 -1.74 3.64
N11 QUJ E 2 8.38 -0.26 2.21
C7 QUJ E 2 8.46 0.72 1.28
N QUJ E 2 10.79 0.62 1.48
OB QUJ E 2 4.92 1.33 0.64
CG QUJ E 2 3.64 0.86 1.08
CD QUJ E 2 2.53 1.45 0.18
CE2 QUJ E 2 3.00 1.62 -1.24
CE1 QUJ E 2 2.04 2.77 0.71
OB QVS E 3 12.21 -6.53 5.90
C8 QVS E 3 11.75 -5.51 5.11
C9 QVS E 3 12.60 -4.93 4.17
CA QVS E 3 12.15 -3.90 3.36
C QVS E 3 12.91 -3.26 2.37
O QVS E 3 14.12 -3.12 2.48
N11 QVS E 3 10.87 -3.46 3.51
C7 QVS E 3 10.02 -3.99 4.40
C6 QVS E 3 10.43 -5.04 5.23
C5 QVS E 3 9.54 -5.57 6.14
C4 QVS E 3 8.23 -5.07 6.21
C3 QVS E 3 7.83 -4.02 5.37
C2 QVS E 3 8.73 -3.46 4.47
N QVS E 3 8.42 -2.43 3.63
OB QVS E 4 11.16 0.32 -3.59
C8 QVS E 4 10.89 -0.47 -2.52
C9 QVS E 4 9.59 -0.86 -2.26
CA QVS E 4 9.34 -1.67 -1.15
C QVS E 4 8.04 -2.09 -0.85
O QVS E 4 7.07 -1.69 -1.48
N11 QVS E 4 10.36 -2.06 -0.36
C7 QVS E 4 11.64 -1.69 -0.60
C6 QVS E 4 11.94 -0.89 -1.70
C5 QVS E 4 13.26 -0.52 -1.94
C4 QVS E 4 14.27 -0.96 -1.08
C3 QVS E 4 13.97 -1.77 0.02
C2 QVS E 4 12.66 -2.16 0.25
N QVS E 4 12.20 -2.88 1.30
O QVE E 5 10.13 -7.57 3.14
C QVE E 5 9.87 -6.66 2.35
CA QVE E 5 8.53 -6.25 2.20
N11 QVE E 5 8.27 -5.14 1.48
C7 QVE E 5 7.01 -4.73 1.30
C2 QVE E 5 6.83 -3.56 0.58
N QVE E 5 7.96 -3.01 0.11
C9 QVE E 5 7.48 -6.99 2.73
C8 QVE E 5 6.16 -6.59 2.55
OB QVE E 5 5.12 -7.33 3.09
CG QVE E 5 5.33 -8.67 3.58
CD QVE E 5 5.40 -8.68 5.09
OE2 QVE E 5 5.39 -9.76 5.72
OE1 QVE E 5 5.44 -7.59 5.69
C6 QVE E 5 5.93 -5.42 1.85
C5 QVE E 5 4.65 -4.96 1.60
C4 QVE E 5 4.46 -3.80 0.87
C3 QVE E 5 5.55 -3.09 0.35
OXT QVE E 5 10.74 -6.10 1.68
C VKC F 1 9.60 -7.05 2.38
O VKC F 1 9.22 -8.03 3.03
CA VKC F 1 10.88 -6.87 2.06
C2 QUJ F 2 7.44 -6.10 2.16
C3 QUJ F 2 6.80 -7.00 2.99
C4 QUJ F 2 5.42 -6.90 3.13
C5 QUJ F 2 4.71 -5.90 2.46
C6 QUJ F 2 5.33 -4.98 1.64
C8 QUJ F 2 4.63 -3.96 0.96
C9 QUJ F 2 5.41 -3.11 0.16
CA QUJ F 2 6.78 -3.28 0.07
O QUJ F 2 7.12 -1.93 -1.73
C QUJ F 2 7.59 -2.49 -0.73
N11 QUJ F 2 7.41 -4.27 0.73
C7 QUJ F 2 6.72 -5.10 1.51
N QUJ F 2 8.78 -6.12 1.92
OB QUJ F 2 3.27 -3.73 1.03
CG QUJ F 2 2.71 -2.50 0.46
CD QUJ F 2 1.30 -2.03 0.92
CE2 QUJ F 2 0.94 -2.46 2.33
CE1 QUJ F 2 0.16 -2.44 0.01
OB QVS F 3 14.55 -1.07 -1.58
C8 QVS F 3 13.50 -1.65 -0.92
C9 QVS F 3 13.73 -2.49 0.15
CA QVS F 3 12.64 -3.07 0.80
C QVS F 3 12.72 -3.93 1.89
O QVS F 3 13.74 -4.53 2.20
N11 QVS F 3 11.39 -2.82 0.36
C7 QVS F 3 11.13 -2.00 -0.68
C6 QVS F 3 12.19 -1.41 -1.34
C5 QVS F 3 11.92 -0.57 -2.41
C4 QVS F 3 10.61 -0.34 -2.80
C3 QVS F 3 9.56 -0.95 -2.15
C2 QVS F 3 9.83 -1.78 -1.07
N QVS F 3 8.87 -2.45 -0.38
OB QVS F 4 8.00 -5.94 6.74
C8 QVS F 4 8.39 -5.15 5.73
C9 QVS F 4 7.59 -4.13 5.22
CA QVS F 4 8.07 -3.34 4.17
C QVS F 4 7.32 -2.32 3.60
O QVS F 4 6.11 -2.16 3.82
N11 QVS F 4 9.28 -3.60 3.66
C7 QVS F 4 10.07 -4.58 4.14
C6 QVS F 4 9.65 -5.38 5.19
C5 QVS F 4 10.47 -6.40 5.68
C4 QVS F 4 11.73 -6.60 5.10
C3 QVS F 4 12.16 -5.79 4.05
C2 QVS F 4 11.33 -4.77 3.60
N QVS F 4 11.57 -3.99 2.57
O QVE F 5 12.34 -0.01 2.29
C QVE F 5 12.01 0.79 1.41
CA QVE F 5 10.65 1.02 1.19
N11 QVE F 5 9.73 0.18 1.72
C7 QVE F 5 8.40 0.39 1.53
C2 QVE F 5 7.50 -0.48 2.10
N QVE F 5 8.02 -1.51 2.82
C9 QVE F 5 10.25 2.11 0.44
C8 QVE F 5 8.90 2.35 0.23
OB QVE F 5 8.52 3.42 -0.51
C6 QVE F 5 7.96 1.47 0.77
C5 QVE F 5 6.60 1.67 0.61
C4 QVE F 5 5.68 0.78 1.17
C3 QVE F 5 6.13 -0.30 1.92
OXT QVE F 5 12.83 1.44 0.76
ZN ZN G . -5.54 -15.99 8.86
C1 GOL H . -0.18 -14.28 7.20
O1 GOL H . 0.22 -14.75 5.91
C2 GOL H . -0.57 -15.48 8.06
O2 GOL H . 0.63 -16.20 8.38
C3 GOL H . -1.19 -15.05 9.39
O3 GOL H . -0.37 -14.13 10.07
C1 GOL I . 2.11 -16.32 1.96
O1 GOL I . 3.37 -16.70 2.60
C2 GOL I . 2.09 -14.93 1.30
O2 GOL I . 2.96 -14.98 0.16
C3 GOL I . 0.75 -14.48 0.74
O3 GOL I . -0.25 -14.30 1.75
NA NA J . -24.14 -14.61 18.72
S DMS K . 1.07 -1.10 16.87
O DMS K . -0.02 -0.33 16.18
C1 DMS K . 1.65 -0.29 18.27
C2 DMS K . 0.48 -2.52 17.61
ZN ZN L . 6.72 15.73 -8.87
C1 GOL M . 9.81 12.15 -8.40
O1 GOL M . 10.00 11.00 -9.21
C2 GOL M . 10.45 11.73 -7.10
O2 GOL M . 11.68 12.44 -6.91
C3 GOL M . 9.46 11.85 -5.95
O3 GOL M . 10.11 11.72 -4.72
C1 GOL N . 11.46 12.08 -0.38
O1 GOL N . 12.79 11.65 -0.73
C2 GOL N . 10.59 10.96 0.17
O2 GOL N . 11.05 10.72 1.50
C3 GOL N . 9.12 11.32 0.33
O3 GOL N . 8.52 12.00 -0.76
#